data_8H3U
#
_entry.id   8H3U
#
_cell.length_a   1.00
_cell.length_b   1.00
_cell.length_c   1.00
_cell.angle_alpha   90.00
_cell.angle_beta   90.00
_cell.angle_gamma   90.00
#
_symmetry.space_group_name_H-M   'P 1'
#
loop_
_entity.id
_entity.type
_entity.pdbx_description
1 polymer 'Enteropeptidase non-catalytic heavy chain'
2 polymer 'Enteropeptidase catalytic light chain'
#
loop_
_entity_poly.entity_id
_entity_poly.type
_entity_poly.pdbx_seq_one_letter_code
_entity_poly.pdbx_strand_id
1 'polypeptide(L)'
;ECLPGSSPCTDALTCIKADLFCDGEVNCPDGSDEDNKMCATVCDGRFLLTGSSGSFQATHYPKPSETSVVCQWIIRVNQG
LSIKLSFDDFNTYYTDILDIYEGVGSSKILRASIWETNPGTIRIFSNQVTATFLIESDESDYVGFNATYTAFNSSELNNY
EKINCNFEDGFCFWVQDLNDDNEWERIQGSTFSPFTGPNFDHTFGNASGFYISTPTGPGGRQERVGLLSLPLDPTLEPAC
LSFWYHMYGENVHKLSINISNDQNMEKTVFQKEGNYGDNWNYGQVTLNETVKFKVAFNAFKNKILSDIALDDISLTYGIC
NGSLYPEPTLVPTPPPELPTDCGGPFELWEPNTTFSSTNFPNSYPNLAFCVWILNAQKGKNIQLHFQEFDLENINDVVEI
RDGEEADSLLLAVYTGPGPVKDVFSTTNRMTVLLITNDVLARGGFKANFTTGYHLGIPEPCKADHFQCKNGECVPLVNLC
DGHLHCEDGSDEADCVRFFNGTTNNNGLVRFRIQSIWHTACAENWTTQISNDVCQLLGLGSGNSSKPIFPTDGGPFVKLN
TAPDGHLILTPSQQCLQDSLIRLQCNHKSCGKKLAAQDITPK
;
A
2 'polypeptide(L)'
;IVGGSNAKEGAWPWVVGLYYGGRLLCGASLVSSDWLVSAAHCVYGRNLEPSKWTAILGLHMKSNLTSPQTVPRLIDEIVI
NPHYNRRRKDNDIAMMHLEFKVNYTDYIQPICLPEENQVFPPGRNCSIAGWGTVVYQGTTANILQEADVPLLSNERCQQQ
MPEYNITENMICAGYEEGGIDSCQGDSGGPLMCQENNRWFLAGVTSFGYKCALPNRPGVYARVSRFTEWIQSFLH
;
B
#
# COMPACT_ATOMS: atom_id res chain seq x y z
N GLU A 1 -52.07 -58.87 33.29
CA GLU A 1 -51.02 -58.63 32.30
C GLU A 1 -51.46 -57.60 31.27
N CYS A 2 -50.67 -56.53 31.14
CA CYS A 2 -50.99 -55.49 30.17
C CYS A 2 -50.65 -55.95 28.75
N LEU A 3 -50.94 -55.08 27.79
CA LEU A 3 -50.65 -55.37 26.41
C LEU A 3 -49.14 -55.37 26.17
N PRO A 4 -48.67 -56.10 25.15
CA PRO A 4 -47.22 -56.09 24.85
C PRO A 4 -46.70 -54.69 24.54
N GLY A 5 -45.64 -54.28 25.23
CA GLY A 5 -45.09 -52.95 25.07
C GLY A 5 -45.53 -51.95 26.13
N SER A 6 -46.33 -52.38 27.10
CA SER A 6 -46.83 -51.50 28.16
C SER A 6 -46.48 -52.09 29.52
N SER A 7 -46.27 -51.22 30.50
CA SER A 7 -45.93 -51.63 31.85
C SER A 7 -46.97 -51.12 32.84
N PRO A 8 -47.43 -51.98 33.76
CA PRO A 8 -48.44 -51.53 34.73
C PRO A 8 -47.81 -50.70 35.84
N CYS A 9 -48.67 -50.00 36.58
CA CYS A 9 -48.20 -49.20 37.70
C CYS A 9 -48.00 -50.08 38.94
N THR A 10 -47.77 -49.43 40.07
CA THR A 10 -47.58 -50.17 41.32
C THR A 10 -48.86 -50.87 41.76
N ASP A 11 -50.01 -50.19 41.67
CA ASP A 11 -51.27 -50.79 42.06
C ASP A 11 -51.74 -51.86 41.08
N ALA A 12 -51.12 -51.96 39.91
CA ALA A 12 -51.46 -52.96 38.88
C ALA A 12 -52.92 -52.87 38.46
N LEU A 13 -53.42 -51.66 38.25
CA LEU A 13 -54.80 -51.44 37.84
C LEU A 13 -54.95 -50.69 36.54
N THR A 14 -53.96 -49.88 36.17
CA THR A 14 -54.00 -49.08 34.94
C THR A 14 -52.76 -49.37 34.11
N CYS A 15 -52.96 -49.66 32.83
CA CYS A 15 -51.87 -49.95 31.90
C CYS A 15 -51.54 -48.69 31.10
N ILE A 16 -50.30 -48.25 31.18
CA ILE A 16 -49.83 -47.08 30.44
C ILE A 16 -48.68 -47.49 29.54
N LYS A 17 -48.41 -46.66 28.53
CA LYS A 17 -47.37 -46.95 27.57
C LYS A 17 -45.99 -46.89 28.22
N ALA A 18 -45.02 -47.56 27.58
CA ALA A 18 -43.68 -47.63 28.14
C ALA A 18 -42.93 -46.31 28.01
N ASP A 19 -43.14 -45.58 26.91
CA ASP A 19 -42.46 -44.31 26.72
C ASP A 19 -42.98 -43.20 27.62
N LEU A 20 -44.10 -43.43 28.30
CA LEU A 20 -44.66 -42.44 29.22
C LEU A 20 -44.03 -42.49 30.61
N PHE A 21 -43.11 -43.42 30.84
CA PHE A 21 -42.43 -43.51 32.13
C PHE A 21 -41.26 -42.53 32.18
N CYS A 22 -41.13 -41.83 33.30
CA CYS A 22 -40.02 -40.91 33.54
C CYS A 22 -39.94 -39.81 32.47
N ASP A 23 -41.10 -39.41 31.93
CA ASP A 23 -41.14 -38.40 30.89
C ASP A 23 -41.50 -37.01 31.40
N GLY A 24 -41.91 -36.89 32.65
CA GLY A 24 -42.25 -35.60 33.23
C GLY A 24 -43.70 -35.46 33.63
N GLU A 25 -44.60 -36.25 33.06
CA GLU A 25 -46.02 -36.17 33.38
C GLU A 25 -46.44 -37.36 34.23
N VAL A 26 -47.29 -37.10 35.22
CA VAL A 26 -47.78 -38.14 36.13
C VAL A 26 -48.90 -38.89 35.40
N ASN A 27 -48.63 -40.13 35.02
CA ASN A 27 -49.60 -40.95 34.31
C ASN A 27 -50.31 -41.94 35.22
N CYS A 28 -49.62 -42.51 36.21
CA CYS A 28 -50.27 -43.43 37.13
C CYS A 28 -51.15 -42.68 38.12
N PRO A 29 -52.29 -43.25 38.51
CA PRO A 29 -53.16 -42.55 39.47
C PRO A 29 -52.52 -42.30 40.82
N ASP A 30 -51.60 -43.16 41.24
CA ASP A 30 -50.92 -43.01 42.52
C ASP A 30 -49.56 -42.33 42.41
N GLY A 31 -49.21 -41.84 41.21
CA GLY A 31 -47.92 -41.19 41.04
C GLY A 31 -46.72 -42.11 41.05
N SER A 32 -46.93 -43.40 40.77
CA SER A 32 -45.82 -44.34 40.79
C SER A 32 -44.91 -44.22 39.58
N ASP A 33 -45.41 -43.63 38.49
CA ASP A 33 -44.58 -43.47 37.29
C ASP A 33 -43.49 -42.43 37.47
N GLU A 34 -43.65 -41.51 38.43
CA GLU A 34 -42.66 -40.48 38.71
C GLU A 34 -41.85 -40.78 39.97
N ASP A 35 -41.79 -42.04 40.38
CA ASP A 35 -41.02 -42.41 41.56
C ASP A 35 -39.53 -42.35 41.24
N ASN A 36 -38.76 -41.79 42.18
CA ASN A 36 -37.32 -41.62 41.96
C ASN A 36 -36.58 -42.95 41.94
N LYS A 37 -37.12 -43.99 42.57
CA LYS A 37 -36.44 -45.29 42.57
C LYS A 37 -36.63 -46.03 41.26
N MET A 38 -37.81 -45.90 40.64
CA MET A 38 -38.04 -46.55 39.36
C MET A 38 -37.26 -45.86 38.24
N CYS A 39 -37.18 -44.54 38.29
CA CYS A 39 -36.41 -43.77 37.31
C CYS A 39 -34.98 -43.51 37.78
N ALA A 40 -34.47 -44.28 38.72
CA ALA A 40 -33.12 -44.07 39.25
C ALA A 40 -32.07 -44.42 38.20
N THR A 41 -31.28 -43.42 37.82
CA THR A 41 -30.23 -43.63 36.84
C THR A 41 -28.95 -44.11 37.53
N VAL A 42 -28.16 -44.89 36.81
CA VAL A 42 -26.89 -45.39 37.36
C VAL A 42 -25.81 -44.33 37.23
N CYS A 43 -26.08 -43.24 36.50
CA CYS A 43 -25.12 -42.17 36.32
C CYS A 43 -24.75 -41.52 37.66
N ASP A 44 -25.73 -40.93 38.34
CA ASP A 44 -25.50 -40.24 39.60
C ASP A 44 -26.52 -40.63 40.67
N GLY A 45 -27.46 -41.51 40.35
CA GLY A 45 -28.46 -41.93 41.32
C GLY A 45 -29.57 -40.93 41.57
N ARG A 46 -29.65 -39.86 40.77
CA ARG A 46 -30.66 -38.84 40.94
C ARG A 46 -31.40 -38.61 39.62
N PHE A 47 -32.72 -38.53 39.69
CA PHE A 47 -33.55 -38.31 38.51
C PHE A 47 -34.25 -36.96 38.56
N LEU A 48 -34.97 -36.65 39.64
CA LEU A 48 -35.70 -35.40 39.76
C LEU A 48 -34.91 -34.46 40.67
N LEU A 49 -34.62 -33.26 40.17
CA LEU A 49 -33.88 -32.24 40.92
C LEU A 49 -34.77 -31.02 41.05
N THR A 50 -35.33 -30.81 42.24
CA THR A 50 -36.21 -29.69 42.51
C THR A 50 -35.50 -28.52 43.19
N GLY A 51 -34.25 -28.69 43.58
CA GLY A 51 -33.52 -27.61 44.22
C GLY A 51 -33.12 -26.52 43.25
N SER A 52 -32.77 -25.37 43.83
CA SER A 52 -32.35 -24.23 43.01
C SER A 52 -30.97 -24.40 42.40
N SER A 53 -30.18 -25.36 42.88
CA SER A 53 -28.84 -25.58 42.36
C SER A 53 -28.44 -27.02 42.64
N GLY A 54 -27.40 -27.47 41.94
CA GLY A 54 -26.91 -28.82 42.14
C GLY A 54 -25.93 -29.19 41.06
N SER A 55 -25.73 -30.50 40.89
CA SER A 55 -24.81 -31.03 39.91
C SER A 55 -25.23 -32.44 39.53
N PHE A 56 -24.73 -32.90 38.38
CA PHE A 56 -25.01 -34.25 37.90
C PHE A 56 -23.85 -34.72 37.05
N GLN A 57 -23.58 -36.02 37.11
CA GLN A 57 -22.46 -36.61 36.37
C GLN A 57 -22.93 -37.91 35.74
N ALA A 58 -22.09 -38.44 34.85
CA ALA A 58 -22.41 -39.69 34.17
C ALA A 58 -21.96 -40.89 35.01
N THR A 59 -22.02 -42.06 34.39
CA THR A 59 -21.61 -43.29 35.08
C THR A 59 -20.10 -43.31 35.30
N HIS A 60 -19.71 -43.26 36.57
CA HIS A 60 -18.30 -43.32 36.97
C HIS A 60 -17.49 -42.21 36.31
N TYR A 61 -17.78 -40.96 36.68
CA TYR A 61 -17.12 -39.80 36.08
C TYR A 61 -15.60 -39.84 36.23
N PRO A 62 -15.04 -40.08 37.44
CA PRO A 62 -13.56 -40.13 37.54
C PRO A 62 -13.01 -41.50 37.19
N LYS A 63 -13.51 -42.10 36.10
CA LYS A 63 -13.11 -43.42 35.65
C LYS A 63 -13.57 -43.64 34.21
N PRO A 64 -12.95 -44.56 33.47
CA PRO A 64 -13.41 -44.85 32.12
C PRO A 64 -14.79 -45.49 32.14
N SER A 65 -15.55 -45.26 31.07
CA SER A 65 -16.89 -45.81 30.93
C SER A 65 -16.81 -47.23 30.38
N GLU A 66 -17.55 -48.14 30.99
CA GLU A 66 -17.55 -49.54 30.60
C GLU A 66 -18.93 -50.06 30.19
N THR A 67 -20.00 -49.47 30.70
CA THR A 67 -21.34 -49.94 30.41
C THR A 67 -22.19 -48.79 29.88
N SER A 68 -23.00 -49.10 28.86
CA SER A 68 -23.90 -48.10 28.30
C SER A 68 -25.18 -48.04 29.13
N VAL A 69 -25.41 -46.89 29.76
CA VAL A 69 -26.56 -46.69 30.62
C VAL A 69 -27.36 -45.49 30.11
N VAL A 70 -28.68 -45.64 30.08
CA VAL A 70 -29.58 -44.57 29.67
C VAL A 70 -29.97 -43.76 30.89
N CYS A 71 -29.57 -42.49 30.91
CA CYS A 71 -29.81 -41.60 32.04
C CYS A 71 -30.64 -40.41 31.59
N GLN A 72 -31.39 -39.82 32.53
CA GLN A 72 -32.28 -38.70 32.24
C GLN A 72 -32.43 -37.85 33.48
N TRP A 73 -32.33 -36.53 33.31
CA TRP A 73 -32.51 -35.58 34.39
C TRP A 73 -33.64 -34.61 34.06
N ILE A 74 -34.54 -34.41 35.02
CA ILE A 74 -35.66 -33.48 34.89
C ILE A 74 -35.57 -32.49 36.06
N ILE A 75 -35.38 -31.22 35.74
CA ILE A 75 -35.22 -30.17 36.73
C ILE A 75 -36.42 -29.23 36.64
N ARG A 76 -37.07 -28.99 37.78
CA ARG A 76 -38.19 -28.06 37.88
C ARG A 76 -37.83 -26.97 38.88
N VAL A 77 -37.89 -25.72 38.44
CA VAL A 77 -37.60 -24.58 39.29
C VAL A 77 -38.88 -23.76 39.45
N ASN A 78 -38.78 -22.69 40.25
CA ASN A 78 -39.93 -21.82 40.48
C ASN A 78 -40.36 -21.15 39.18
N GLN A 79 -41.65 -20.86 39.07
CA GLN A 79 -42.19 -20.25 37.87
C GLN A 79 -41.64 -18.84 37.70
N GLY A 80 -41.43 -18.45 36.44
CA GLY A 80 -40.87 -17.14 36.12
C GLY A 80 -39.37 -17.09 36.05
N LEU A 81 -38.67 -18.14 36.46
CA LEU A 81 -37.22 -18.19 36.43
C LEU A 81 -36.72 -19.14 35.36
N SER A 82 -35.48 -18.94 34.94
CA SER A 82 -34.84 -19.76 33.93
C SER A 82 -33.75 -20.64 34.57
N ILE A 83 -33.37 -21.68 33.84
CA ILE A 83 -32.37 -22.64 34.30
C ILE A 83 -31.10 -22.42 33.48
N LYS A 84 -29.98 -22.18 34.18
CA LYS A 84 -28.69 -21.95 33.56
C LYS A 84 -27.81 -23.17 33.75
N LEU A 85 -27.43 -23.82 32.65
CA LEU A 85 -26.57 -25.00 32.68
C LEU A 85 -25.14 -24.59 32.41
N SER A 86 -24.23 -25.04 33.27
CA SER A 86 -22.81 -24.73 33.13
C SER A 86 -22.03 -26.04 33.01
N PHE A 87 -21.36 -26.21 31.87
CA PHE A 87 -20.59 -27.42 31.58
C PHE A 87 -19.11 -27.12 31.85
N ASP A 88 -18.58 -27.67 32.94
CA ASP A 88 -17.18 -27.47 33.27
C ASP A 88 -16.26 -28.36 32.45
N ASP A 89 -16.70 -29.56 32.10
CA ASP A 89 -15.91 -30.49 31.30
C ASP A 89 -16.83 -31.38 30.50
N PHE A 90 -16.44 -31.67 29.26
CA PHE A 90 -17.22 -32.53 28.37
C PHE A 90 -16.27 -33.16 27.37
N ASN A 91 -16.07 -34.47 27.47
CA ASN A 91 -15.21 -35.22 26.55
C ASN A 91 -15.79 -36.63 26.40
N THR A 92 -16.60 -36.81 25.37
CA THR A 92 -17.24 -38.10 25.08
C THR A 92 -17.17 -38.40 23.60
N TYR A 93 -17.53 -39.62 23.24
CA TYR A 93 -17.56 -40.02 21.84
C TYR A 93 -18.71 -39.33 21.11
N TYR A 94 -18.59 -39.26 19.79
CA TYR A 94 -19.61 -38.56 19.01
C TYR A 94 -20.91 -39.34 18.93
N THR A 95 -20.90 -40.62 19.29
CA THR A 95 -22.13 -41.41 19.34
C THR A 95 -22.93 -41.18 20.61
N ASP A 96 -22.31 -40.63 21.66
CA ASP A 96 -23.01 -40.32 22.91
C ASP A 96 -23.54 -38.90 22.80
N ILE A 97 -24.69 -38.76 22.14
CA ILE A 97 -25.30 -37.46 21.90
C ILE A 97 -26.10 -37.05 23.13
N LEU A 98 -25.85 -35.84 23.63
CA LEU A 98 -26.55 -35.30 24.78
C LEU A 98 -27.75 -34.49 24.29
N ASP A 99 -28.95 -35.02 24.50
CA ASP A 99 -30.16 -34.36 24.07
C ASP A 99 -30.68 -33.44 25.17
N ILE A 100 -31.02 -32.21 24.79
CA ILE A 100 -31.55 -31.21 25.71
C ILE A 100 -32.97 -30.88 25.27
N TYR A 101 -33.95 -31.37 26.03
CA TYR A 101 -35.35 -31.17 25.74
C TYR A 101 -35.91 -30.02 26.57
N GLU A 102 -36.69 -29.16 25.95
CA GLU A 102 -37.33 -28.05 26.65
C GLU A 102 -38.78 -28.41 26.96
N GLY A 103 -39.09 -28.54 28.25
CA GLY A 103 -40.40 -28.96 28.67
C GLY A 103 -40.42 -30.40 29.14
N VAL A 104 -41.60 -30.83 29.59
CA VAL A 104 -41.80 -32.18 30.10
C VAL A 104 -42.85 -32.88 29.24
N GLY A 105 -43.00 -34.18 29.47
CA GLY A 105 -43.97 -34.95 28.73
C GLY A 105 -43.58 -35.14 27.27
N SER A 106 -44.57 -35.50 26.46
CA SER A 106 -44.36 -35.69 25.04
C SER A 106 -44.22 -34.38 24.28
N SER A 107 -44.51 -33.25 24.92
CA SER A 107 -44.40 -31.94 24.30
C SER A 107 -43.02 -31.30 24.49
N LYS A 108 -42.02 -32.09 24.90
CA LYS A 108 -40.68 -31.55 25.07
C LYS A 108 -40.09 -31.16 23.73
N ILE A 109 -39.34 -30.05 23.74
CA ILE A 109 -38.77 -29.48 22.52
C ILE A 109 -37.25 -29.60 22.59
N LEU A 110 -36.67 -30.32 21.63
CA LEU A 110 -35.23 -30.43 21.54
C LEU A 110 -34.62 -29.11 21.07
N ARG A 111 -33.50 -28.72 21.68
CA ARG A 111 -32.86 -27.45 21.36
C ARG A 111 -31.49 -27.59 20.72
N ALA A 112 -30.63 -28.47 21.23
CA ALA A 112 -29.28 -28.61 20.67
C ALA A 112 -28.73 -29.98 21.05
N SER A 113 -27.81 -30.48 20.22
CA SER A 113 -27.13 -31.74 20.46
C SER A 113 -25.65 -31.46 20.66
N ILE A 114 -25.02 -32.20 21.58
CA ILE A 114 -23.63 -31.99 21.95
C ILE A 114 -22.86 -33.28 21.72
N TRP A 115 -21.71 -33.18 21.07
CA TRP A 115 -20.85 -34.34 20.86
C TRP A 115 -19.44 -33.86 20.52
N GLU A 116 -18.48 -34.36 21.30
CA GLU A 116 -17.06 -34.10 21.09
C GLU A 116 -16.71 -32.62 21.11
N THR A 117 -17.62 -31.79 21.62
CA THR A 117 -17.42 -30.35 21.70
C THR A 117 -17.86 -29.83 23.06
N ASN A 118 -17.06 -28.95 23.64
CA ASN A 118 -17.41 -28.34 24.91
C ASN A 118 -18.52 -27.32 24.70
N PRO A 119 -19.73 -27.54 25.24
CA PRO A 119 -20.82 -26.59 24.99
C PRO A 119 -20.70 -25.30 25.79
N GLY A 120 -19.92 -25.29 26.87
CA GLY A 120 -19.80 -24.07 27.65
C GLY A 120 -21.04 -23.86 28.51
N THR A 121 -21.65 -22.69 28.34
CA THR A 121 -22.84 -22.34 29.11
C THR A 121 -24.06 -22.33 28.19
N ILE A 122 -25.05 -23.16 28.52
CA ILE A 122 -26.31 -23.23 27.77
C ILE A 122 -27.43 -22.83 28.71
N ARG A 123 -28.17 -21.78 28.34
CA ARG A 123 -29.25 -21.25 29.16
C ARG A 123 -30.57 -21.49 28.45
N ILE A 124 -31.49 -22.20 29.10
CA ILE A 124 -32.83 -22.45 28.61
C ILE A 124 -33.78 -21.55 29.39
N PHE A 125 -34.72 -20.94 28.67
CA PHE A 125 -35.66 -19.99 29.28
C PHE A 125 -36.95 -20.65 29.74
N SER A 126 -36.88 -21.93 30.11
CA SER A 126 -38.02 -22.67 30.60
C SER A 126 -37.73 -23.16 32.02
N ASN A 127 -38.77 -23.21 32.84
CA ASN A 127 -38.64 -23.65 34.22
C ASN A 127 -38.59 -25.17 34.35
N GLN A 128 -38.77 -25.90 33.26
CA GLN A 128 -38.70 -27.36 33.26
C GLN A 128 -37.87 -27.82 32.07
N VAL A 129 -36.68 -28.35 32.34
CA VAL A 129 -35.75 -28.78 31.30
C VAL A 129 -35.44 -30.24 31.52
N THR A 130 -35.54 -31.03 30.44
CA THR A 130 -35.28 -32.47 30.47
C THR A 130 -34.01 -32.76 29.68
N ALA A 131 -32.99 -33.27 30.37
CA ALA A 131 -31.72 -33.61 29.75
C ALA A 131 -31.54 -35.12 29.77
N THR A 132 -31.31 -35.71 28.59
CA THR A 132 -31.13 -37.15 28.44
C THR A 132 -29.77 -37.41 27.80
N PHE A 133 -29.03 -38.36 28.38
CA PHE A 133 -27.72 -38.76 27.86
C PHE A 133 -27.76 -40.24 27.52
N LEU A 134 -27.52 -40.57 26.26
CA LEU A 134 -27.54 -41.95 25.78
C LEU A 134 -26.11 -42.37 25.44
N ILE A 135 -25.69 -43.51 25.97
CA ILE A 135 -24.35 -44.04 25.74
C ILE A 135 -24.46 -45.08 24.64
N GLU A 136 -23.58 -44.98 23.63
CA GLU A 136 -23.57 -45.91 22.52
C GLU A 136 -22.19 -46.50 22.23
N SER A 137 -21.13 -45.83 22.65
CA SER A 137 -19.78 -46.32 22.40
C SER A 137 -19.22 -47.02 23.64
N ASP A 138 -18.24 -47.89 23.42
CA ASP A 138 -17.60 -48.63 24.50
C ASP A 138 -16.12 -48.27 24.66
N GLU A 139 -15.67 -47.17 24.08
CA GLU A 139 -14.28 -46.76 24.18
C GLU A 139 -14.00 -46.26 25.60
N SER A 140 -12.99 -46.84 26.24
CA SER A 140 -12.60 -46.47 27.61
C SER A 140 -11.54 -45.38 27.65
N ASP A 141 -11.36 -44.62 26.58
CA ASP A 141 -10.36 -43.56 26.54
C ASP A 141 -10.92 -42.20 26.96
N TYR A 142 -12.23 -42.09 27.17
CA TYR A 142 -12.86 -40.83 27.54
C TYR A 142 -13.12 -40.81 29.04
N VAL A 143 -13.34 -39.61 29.59
CA VAL A 143 -13.57 -39.45 31.02
C VAL A 143 -15.03 -39.23 31.37
N GLY A 144 -15.76 -38.42 30.59
CA GLY A 144 -17.15 -38.15 30.87
C GLY A 144 -17.46 -36.66 30.90
N PHE A 145 -18.44 -36.26 31.70
CA PHE A 145 -18.84 -34.87 31.81
C PHE A 145 -19.41 -34.59 33.19
N ASN A 146 -19.31 -33.34 33.60
CA ASN A 146 -19.84 -32.88 34.88
C ASN A 146 -20.38 -31.47 34.69
N ALA A 147 -21.68 -31.29 34.92
CA ALA A 147 -22.34 -30.01 34.71
C ALA A 147 -23.19 -29.65 35.92
N THR A 148 -23.30 -28.35 36.19
CA THR A 148 -24.11 -27.83 37.28
C THR A 148 -25.19 -26.92 36.72
N TYR A 149 -26.31 -26.84 37.43
CA TYR A 149 -27.44 -26.00 37.02
C TYR A 149 -27.68 -24.91 38.07
N THR A 150 -27.99 -23.71 37.58
CA THR A 150 -28.28 -22.57 38.45
C THR A 150 -29.52 -21.87 37.93
N ALA A 151 -30.29 -21.29 38.85
CA ALA A 151 -31.52 -20.59 38.51
C ALA A 151 -31.31 -19.09 38.50
N PHE A 152 -31.85 -18.41 37.50
CA PHE A 152 -31.76 -16.97 37.40
C PHE A 152 -33.05 -16.42 36.81
N ASN A 153 -33.20 -15.10 36.89
CA ASN A 153 -34.40 -14.41 36.40
C ASN A 153 -34.07 -13.80 35.05
N SER A 154 -34.86 -14.15 34.03
CA SER A 154 -34.64 -13.63 32.68
C SER A 154 -35.38 -12.32 32.42
N SER A 155 -36.30 -11.94 33.29
CA SER A 155 -37.05 -10.71 33.10
C SER A 155 -36.23 -9.45 33.36
N GLU A 156 -35.14 -9.56 34.12
CA GLU A 156 -34.30 -8.41 34.43
C GLU A 156 -33.17 -8.22 33.43
N LEU A 157 -33.17 -8.95 32.33
CA LEU A 157 -32.09 -8.83 31.36
C LEU A 157 -32.30 -7.61 30.47
N ASN A 158 -31.23 -6.86 30.26
CA ASN A 158 -31.29 -5.67 29.41
C ASN A 158 -30.88 -6.03 27.97
N ASN A 159 -30.99 -5.04 27.09
CA ASN A 159 -30.69 -5.28 25.68
C ASN A 159 -29.21 -5.61 25.46
N TYR A 160 -28.32 -4.97 26.23
CA TYR A 160 -26.89 -5.26 26.09
C TYR A 160 -26.58 -6.71 26.42
N GLU A 161 -27.10 -7.20 27.56
CA GLU A 161 -26.83 -8.58 27.95
C GLU A 161 -27.46 -9.56 26.97
N LYS A 162 -28.55 -9.15 26.32
CA LYS A 162 -29.23 -10.05 25.38
C LYS A 162 -28.54 -10.09 24.02
N ILE A 163 -27.95 -8.98 23.57
CA ILE A 163 -27.35 -8.90 22.24
C ILE A 163 -25.84 -9.07 22.28
N ASN A 164 -25.16 -8.33 23.17
CA ASN A 164 -23.70 -8.39 23.22
C ASN A 164 -23.24 -9.76 23.69
N CYS A 165 -22.60 -10.50 22.79
CA CYS A 165 -22.11 -11.84 23.10
C CYS A 165 -20.92 -12.13 22.19
N ASN A 166 -19.74 -12.29 22.80
CA ASN A 166 -18.51 -12.55 22.06
C ASN A 166 -18.34 -14.02 21.68
N PHE A 167 -19.31 -14.86 22.05
CA PHE A 167 -19.33 -16.28 21.71
C PHE A 167 -18.10 -17.04 22.21
N GLU A 168 -17.47 -16.57 23.30
CA GLU A 168 -16.32 -17.27 23.84
C GLU A 168 -16.71 -18.41 24.76
N ASP A 169 -17.85 -18.30 25.44
CA ASP A 169 -18.34 -19.33 26.36
C ASP A 169 -19.78 -19.68 25.94
N GLY A 170 -19.89 -20.59 24.98
CA GLY A 170 -21.18 -21.03 24.46
C GLY A 170 -22.03 -19.87 23.96
N PHE A 171 -23.35 -20.07 24.00
CA PHE A 171 -24.31 -19.04 23.65
C PHE A 171 -24.82 -18.28 24.87
N CYS A 172 -24.72 -16.96 24.88
CA CYS A 172 -25.15 -16.17 26.04
C CYS A 172 -26.64 -16.32 26.28
N PHE A 173 -27.46 -15.87 25.33
CA PHE A 173 -28.91 -15.98 25.42
C PHE A 173 -29.56 -16.28 24.07
N TRP A 174 -28.78 -16.51 23.03
CA TRP A 174 -29.32 -16.75 21.71
C TRP A 174 -30.03 -18.10 21.65
N VAL A 175 -31.18 -18.10 20.98
CA VAL A 175 -32.00 -19.30 20.80
C VAL A 175 -31.94 -19.70 19.34
N GLN A 176 -31.48 -20.93 19.09
CA GLN A 176 -31.39 -21.42 17.72
C GLN A 176 -32.78 -21.62 17.12
N ASP A 177 -32.89 -21.36 15.82
CA ASP A 177 -34.16 -21.50 15.14
C ASP A 177 -34.55 -22.96 15.02
N LEU A 178 -35.87 -23.22 15.06
CA LEU A 178 -36.39 -24.57 14.97
C LEU A 178 -36.97 -24.90 13.59
N ASN A 179 -37.37 -23.88 12.83
CA ASN A 179 -37.95 -24.08 11.50
C ASN A 179 -36.93 -23.96 10.39
N ASP A 180 -35.63 -23.93 10.73
CA ASP A 180 -34.58 -23.81 9.73
C ASP A 180 -34.18 -25.21 9.25
N ASP A 181 -33.13 -25.27 8.44
CA ASP A 181 -32.66 -26.55 7.89
C ASP A 181 -31.54 -27.17 8.70
N ASN A 182 -30.78 -26.36 9.45
CA ASN A 182 -29.67 -26.87 10.26
C ASN A 182 -29.38 -25.86 11.35
N GLU A 183 -28.66 -26.31 12.37
CA GLU A 183 -28.32 -25.49 13.52
C GLU A 183 -26.85 -25.10 13.48
N TRP A 184 -26.52 -24.04 14.22
CA TRP A 184 -25.14 -23.56 14.27
C TRP A 184 -24.27 -24.54 15.06
N GLU A 185 -23.02 -24.70 14.62
CA GLU A 185 -22.07 -25.58 15.29
C GLU A 185 -20.97 -24.75 15.93
N ARG A 186 -20.63 -25.09 17.18
CA ARG A 186 -19.61 -24.39 17.93
C ARG A 186 -18.28 -25.13 17.78
N ILE A 187 -17.44 -24.65 16.87
CA ILE A 187 -16.15 -25.27 16.60
C ILE A 187 -15.04 -24.32 17.03
N GLN A 188 -13.98 -24.88 17.61
CA GLN A 188 -12.84 -24.13 18.09
C GLN A 188 -11.68 -24.28 17.12
N GLY A 189 -11.11 -23.15 16.69
CA GLY A 189 -9.97 -23.19 15.79
C GLY A 189 -10.37 -23.43 14.35
N SER A 190 -9.54 -24.20 13.65
CA SER A 190 -9.78 -24.50 12.24
C SER A 190 -10.87 -25.55 12.11
N THR A 191 -11.80 -25.31 11.18
CA THR A 191 -12.90 -26.24 10.96
C THR A 191 -12.58 -27.19 9.81
N PHE A 192 -13.53 -28.08 9.53
CA PHE A 192 -13.40 -28.99 8.40
C PHE A 192 -13.54 -28.23 7.09
N SER A 193 -13.26 -28.92 5.98
CA SER A 193 -13.31 -28.33 4.64
C SER A 193 -12.36 -27.14 4.57
N PRO A 194 -11.05 -27.38 4.52
CA PRO A 194 -10.09 -26.27 4.54
C PRO A 194 -10.20 -25.39 3.31
N PHE A 195 -9.41 -24.32 3.30
CA PHE A 195 -9.40 -23.28 2.28
C PHE A 195 -10.70 -22.50 2.23
N THR A 196 -11.55 -22.64 3.25
CA THR A 196 -12.80 -21.90 3.36
C THR A 196 -13.04 -21.55 4.82
N GLY A 197 -13.68 -20.40 5.03
CA GLY A 197 -14.00 -19.94 6.36
C GLY A 197 -12.79 -19.39 7.09
N PRO A 198 -12.99 -18.89 8.30
CA PRO A 198 -11.87 -18.31 9.06
C PRO A 198 -10.95 -19.39 9.62
N ASN A 199 -9.69 -19.01 9.78
CA ASN A 199 -8.69 -19.93 10.32
C ASN A 199 -8.38 -19.68 11.79
N PHE A 200 -8.79 -18.54 12.34
CA PHE A 200 -8.52 -18.22 13.73
C PHE A 200 -9.63 -17.32 14.26
N ASP A 201 -9.73 -17.26 15.57
CA ASP A 201 -10.75 -16.45 16.22
C ASP A 201 -10.41 -14.97 16.12
N HIS A 202 -11.44 -14.13 16.05
CA HIS A 202 -11.23 -12.69 15.90
C HIS A 202 -11.05 -12.00 17.25
N THR A 203 -11.69 -12.51 18.29
CA THR A 203 -11.63 -11.86 19.61
C THR A 203 -10.23 -11.96 20.20
N PHE A 204 -9.65 -13.16 20.18
CA PHE A 204 -8.33 -13.38 20.76
C PHE A 204 -7.21 -13.38 19.73
N GLY A 205 -7.54 -13.38 18.44
CA GLY A 205 -6.51 -13.36 17.42
C GLY A 205 -5.71 -14.65 17.32
N ASN A 206 -6.26 -15.77 17.77
CA ASN A 206 -5.57 -17.04 17.74
C ASN A 206 -6.59 -18.16 17.66
N ALA A 207 -6.09 -19.40 17.57
CA ALA A 207 -6.95 -20.57 17.42
C ALA A 207 -7.52 -21.06 18.75
N SER A 208 -7.20 -20.41 19.87
CA SER A 208 -7.72 -20.82 21.16
C SER A 208 -9.09 -20.24 21.47
N GLY A 209 -9.60 -19.34 20.64
CA GLY A 209 -10.90 -18.76 20.87
C GLY A 209 -12.03 -19.62 20.33
N PHE A 210 -13.25 -19.20 20.65
CA PHE A 210 -14.46 -19.90 20.26
C PHE A 210 -15.36 -18.97 19.45
N TYR A 211 -16.03 -19.53 18.45
CA TYR A 211 -16.95 -18.80 17.60
C TYR A 211 -17.96 -19.76 17.00
N ILE A 212 -18.93 -19.21 16.28
CA ILE A 212 -19.99 -19.97 15.64
C ILE A 212 -19.78 -19.91 14.14
N SER A 213 -20.21 -20.97 13.44
CA SER A 213 -20.07 -21.05 11.99
C SER A 213 -21.08 -22.06 11.44
N THR A 214 -21.24 -22.05 10.13
CA THR A 214 -22.15 -22.97 9.48
C THR A 214 -21.59 -24.39 9.53
N PRO A 215 -22.44 -25.41 9.56
CA PRO A 215 -21.96 -26.79 9.59
C PRO A 215 -21.16 -27.12 8.34
N THR A 216 -19.91 -27.56 8.54
CA THR A 216 -19.02 -27.88 7.43
C THR A 216 -19.29 -29.26 6.83
N GLY A 217 -20.41 -29.89 7.17
CA GLY A 217 -20.75 -31.19 6.63
C GLY A 217 -21.02 -31.13 5.14
N PRO A 218 -20.87 -32.27 4.46
CA PRO A 218 -21.09 -32.31 3.01
C PRO A 218 -22.57 -32.21 2.64
N GLY A 219 -23.15 -31.02 2.80
CA GLY A 219 -24.55 -30.83 2.47
C GLY A 219 -24.74 -30.77 0.97
N GLY A 220 -25.59 -31.66 0.44
CA GLY A 220 -25.84 -31.71 -0.98
C GLY A 220 -26.92 -30.77 -1.47
N ARG A 221 -27.63 -30.10 -0.57
CA ARG A 221 -28.70 -29.17 -0.92
C ARG A 221 -28.49 -27.85 -0.19
N GLN A 222 -29.25 -26.85 -0.58
CA GLN A 222 -29.17 -25.54 0.06
C GLN A 222 -29.89 -25.58 1.40
N GLU A 223 -29.16 -25.28 2.47
CA GLU A 223 -29.67 -25.34 3.83
C GLU A 223 -29.62 -23.96 4.46
N ARG A 224 -30.72 -23.58 5.11
CA ARG A 224 -30.80 -22.30 5.79
C ARG A 224 -30.51 -22.47 7.28
N VAL A 225 -29.62 -21.61 7.79
CA VAL A 225 -29.22 -21.65 9.19
C VAL A 225 -29.51 -20.28 9.79
N GLY A 226 -30.40 -20.25 10.78
CA GLY A 226 -30.77 -19.00 11.42
C GLY A 226 -30.65 -19.04 12.93
N LEU A 227 -30.39 -17.89 13.54
CA LEU A 227 -30.26 -17.76 14.98
C LEU A 227 -31.18 -16.65 15.46
N LEU A 228 -32.10 -16.99 16.37
CA LEU A 228 -33.07 -16.04 16.90
C LEU A 228 -32.60 -15.46 18.21
N SER A 229 -32.96 -14.20 18.46
CA SER A 229 -32.59 -13.53 19.69
C SER A 229 -33.81 -13.24 20.56
N LEU A 230 -33.54 -12.75 21.76
CA LEU A 230 -34.61 -12.43 22.69
C LEU A 230 -35.30 -11.13 22.27
N PRO A 231 -36.59 -10.99 22.58
CA PRO A 231 -37.29 -9.74 22.25
C PRO A 231 -36.72 -8.56 23.03
N LEU A 232 -36.29 -7.54 22.29
CA LEU A 232 -35.70 -6.35 22.88
C LEU A 232 -36.78 -5.33 23.20
N ASP A 233 -36.57 -4.56 24.27
CA ASP A 233 -37.53 -3.54 24.65
C ASP A 233 -37.35 -2.29 23.79
N PRO A 234 -38.44 -1.63 23.41
CA PRO A 234 -38.32 -0.43 22.58
C PRO A 234 -37.69 0.73 23.35
N THR A 235 -36.71 1.37 22.73
CA THR A 235 -36.00 2.49 23.33
C THR A 235 -36.34 3.78 22.58
N LEU A 236 -36.21 4.91 23.29
CA LEU A 236 -36.50 6.19 22.67
C LEU A 236 -35.44 6.59 21.65
N GLU A 237 -34.20 6.13 21.82
CA GLU A 237 -33.12 6.46 20.91
C GLU A 237 -32.72 5.23 20.09
N PRO A 238 -32.35 5.42 18.83
CA PRO A 238 -31.95 4.27 18.01
C PRO A 238 -30.59 3.73 18.45
N ALA A 239 -30.35 2.47 18.11
CA ALA A 239 -29.11 1.78 18.47
C ALA A 239 -28.46 1.20 17.23
N CYS A 240 -27.13 1.12 17.25
CA CYS A 240 -26.36 0.58 16.13
C CYS A 240 -25.94 -0.84 16.46
N LEU A 241 -26.24 -1.77 15.57
CA LEU A 241 -25.87 -3.18 15.74
C LEU A 241 -24.52 -3.42 15.10
N SER A 242 -23.54 -3.78 15.91
CA SER A 242 -22.18 -4.04 15.44
C SER A 242 -21.88 -5.53 15.52
N PHE A 243 -21.25 -6.05 14.46
CA PHE A 243 -20.92 -7.45 14.39
C PHE A 243 -19.82 -7.65 13.35
N TRP A 244 -19.08 -8.75 13.50
CA TRP A 244 -18.03 -9.12 12.57
C TRP A 244 -18.43 -10.39 11.83
N TYR A 245 -18.53 -10.27 10.50
CA TYR A 245 -18.93 -11.39 9.66
C TYR A 245 -17.77 -11.79 8.76
N HIS A 246 -17.63 -13.10 8.55
CA HIS A 246 -16.57 -13.64 7.71
C HIS A 246 -17.21 -14.44 6.58
N MET A 247 -17.21 -13.87 5.37
CA MET A 247 -17.84 -14.48 4.20
C MET A 247 -16.73 -14.79 3.18
N TYR A 248 -16.19 -16.00 3.26
CA TYR A 248 -15.17 -16.47 2.34
C TYR A 248 -15.53 -17.87 1.88
N GLY A 249 -15.63 -18.06 0.58
CA GLY A 249 -15.98 -19.34 0.01
C GLY A 249 -16.28 -19.21 -1.48
N GLU A 250 -16.43 -20.35 -2.13
CA GLU A 250 -16.69 -20.36 -3.57
C GLU A 250 -18.18 -20.30 -3.86
N ASN A 251 -19.00 -20.91 -2.99
CA ASN A 251 -20.44 -20.98 -3.20
C ASN A 251 -21.22 -20.09 -2.25
N VAL A 252 -20.67 -18.94 -1.87
CA VAL A 252 -21.39 -18.02 -1.00
C VAL A 252 -22.53 -17.37 -1.77
N HIS A 253 -23.76 -17.58 -1.29
CA HIS A 253 -24.93 -17.06 -1.98
C HIS A 253 -25.34 -15.69 -1.45
N LYS A 254 -25.71 -15.63 -0.17
CA LYS A 254 -26.21 -14.40 0.42
C LYS A 254 -26.28 -14.57 1.94
N LEU A 255 -25.86 -13.53 2.66
CA LEU A 255 -26.00 -13.47 4.11
C LEU A 255 -26.85 -12.27 4.48
N SER A 256 -28.08 -12.52 4.91
CA SER A 256 -29.04 -11.47 5.20
C SER A 256 -29.45 -11.52 6.66
N ILE A 257 -29.93 -10.38 7.16
CA ILE A 257 -30.41 -10.24 8.54
C ILE A 257 -31.84 -9.77 8.49
N ASN A 258 -32.73 -10.51 9.14
CA ASN A 258 -34.15 -10.19 9.16
C ASN A 258 -34.59 -9.81 10.57
N ILE A 259 -35.51 -8.87 10.66
CA ILE A 259 -36.04 -8.39 11.93
C ILE A 259 -37.50 -8.83 12.03
N SER A 260 -37.79 -9.64 13.05
CA SER A 260 -39.13 -10.18 13.27
C SER A 260 -39.76 -9.51 14.48
N ASN A 261 -41.03 -9.12 14.33
CA ASN A 261 -41.79 -8.47 15.39
C ASN A 261 -42.96 -9.35 15.80
N ASP A 262 -43.80 -8.81 16.69
CA ASP A 262 -44.95 -9.53 17.19
C ASP A 262 -45.99 -9.80 16.11
N GLN A 263 -45.98 -9.06 15.02
CA GLN A 263 -46.92 -9.24 13.93
C GLN A 263 -46.38 -10.13 12.82
N ASN A 264 -45.28 -10.83 13.06
CA ASN A 264 -44.69 -11.76 12.09
C ASN A 264 -44.33 -11.05 10.78
N MET A 265 -43.92 -9.80 10.88
CA MET A 265 -43.51 -9.03 9.70
C MET A 265 -41.99 -8.94 9.68
N GLU A 266 -41.37 -9.56 8.68
CA GLU A 266 -39.92 -9.57 8.54
C GLU A 266 -39.46 -8.38 7.70
N LYS A 267 -38.40 -7.73 8.15
CA LYS A 267 -37.84 -6.57 7.47
C LYS A 267 -36.33 -6.76 7.34
N THR A 268 -35.86 -6.91 6.10
CA THR A 268 -34.44 -7.09 5.86
C THR A 268 -33.73 -5.74 5.91
N VAL A 269 -32.74 -5.63 6.80
CA VAL A 269 -31.98 -4.39 6.95
C VAL A 269 -30.51 -4.55 6.59
N PHE A 270 -30.03 -5.78 6.40
CA PHE A 270 -28.64 -6.03 6.06
C PHE A 270 -28.56 -7.17 5.07
N GLN A 271 -27.72 -7.02 4.05
CA GLN A 271 -27.59 -8.02 3.01
C GLN A 271 -26.23 -7.90 2.34
N LYS A 272 -25.54 -9.03 2.21
CA LYS A 272 -24.23 -9.10 1.57
C LYS A 272 -24.14 -10.33 0.70
N GLU A 273 -23.68 -10.16 -0.53
CA GLU A 273 -23.52 -11.26 -1.47
C GLU A 273 -22.11 -11.26 -2.04
N GLY A 274 -21.62 -12.44 -2.41
CA GLY A 274 -20.30 -12.57 -2.97
C GLY A 274 -19.24 -12.89 -1.94
N ASN A 275 -18.01 -12.97 -2.43
CA ASN A 275 -16.85 -13.26 -1.60
C ASN A 275 -16.25 -11.94 -1.10
N TYR A 276 -15.86 -11.91 0.17
CA TYR A 276 -15.29 -10.73 0.79
C TYR A 276 -13.90 -10.97 1.35
N GLY A 277 -13.23 -12.03 0.92
CA GLY A 277 -11.88 -12.32 1.38
C GLY A 277 -11.84 -13.12 2.66
N ASP A 278 -10.65 -13.61 2.97
CA ASP A 278 -10.43 -14.42 4.18
C ASP A 278 -10.01 -13.51 5.33
N ASN A 279 -10.84 -12.49 5.57
CA ASN A 279 -10.60 -11.53 6.63
C ASN A 279 -11.93 -11.11 7.23
N TRP A 280 -11.90 -10.81 8.53
CA TRP A 280 -13.11 -10.36 9.22
C TRP A 280 -13.48 -8.96 8.77
N ASN A 281 -14.73 -8.79 8.34
CA ASN A 281 -15.22 -7.51 7.83
C ASN A 281 -16.07 -6.83 8.90
N TYR A 282 -15.94 -5.51 8.98
CA TYR A 282 -16.69 -4.72 9.94
C TYR A 282 -18.07 -4.40 9.36
N GLY A 283 -19.10 -5.01 9.93
CA GLY A 283 -20.48 -4.80 9.51
C GLY A 283 -21.27 -4.09 10.58
N GLN A 284 -22.10 -3.14 10.16
CA GLN A 284 -22.91 -2.36 11.08
C GLN A 284 -24.23 -2.00 10.42
N VAL A 285 -25.27 -1.88 11.24
CA VAL A 285 -26.61 -1.52 10.78
C VAL A 285 -27.34 -0.83 11.91
N THR A 286 -28.05 0.25 11.58
CA THR A 286 -28.76 1.04 12.56
C THR A 286 -30.13 0.44 12.81
N LEU A 287 -30.44 0.14 14.07
CA LEU A 287 -31.72 -0.42 14.46
C LEU A 287 -32.59 0.68 15.05
N ASN A 288 -33.77 0.90 14.44
CA ASN A 288 -34.71 1.93 14.88
C ASN A 288 -36.12 1.37 14.75
N GLU A 289 -36.64 0.83 15.86
CA GLU A 289 -37.97 0.26 15.92
C GLU A 289 -38.72 0.86 17.10
N THR A 290 -40.03 1.03 16.95
CA THR A 290 -40.88 1.59 18.00
C THR A 290 -41.50 0.52 18.89
N VAL A 291 -41.46 -0.74 18.49
CA VAL A 291 -42.02 -1.84 19.26
C VAL A 291 -40.94 -2.90 19.47
N LYS A 292 -41.33 -3.97 20.16
CA LYS A 292 -40.41 -5.06 20.41
C LYS A 292 -40.04 -5.77 19.10
N PHE A 293 -38.75 -6.07 18.96
CA PHE A 293 -38.25 -6.69 17.73
C PHE A 293 -37.22 -7.74 18.10
N LYS A 294 -36.90 -8.58 17.11
CA LYS A 294 -35.91 -9.65 17.27
C LYS A 294 -34.88 -9.56 16.16
N VAL A 295 -33.65 -9.97 16.48
CA VAL A 295 -32.55 -10.00 15.52
C VAL A 295 -32.33 -11.45 15.09
N ALA A 296 -32.30 -11.68 13.79
CA ALA A 296 -32.16 -13.01 13.22
C ALA A 296 -31.08 -13.00 12.16
N PHE A 297 -30.00 -13.75 12.39
CA PHE A 297 -28.93 -13.91 11.43
C PHE A 297 -29.19 -15.16 10.61
N ASN A 298 -29.91 -15.00 9.50
CA ASN A 298 -30.31 -16.12 8.64
C ASN A 298 -29.30 -16.25 7.50
N ALA A 299 -28.52 -17.32 7.53
CA ALA A 299 -27.52 -17.59 6.51
C ALA A 299 -28.00 -18.70 5.59
N PHE A 300 -27.95 -18.43 4.28
CA PHE A 300 -28.33 -19.40 3.26
C PHE A 300 -27.06 -20.04 2.73
N LYS A 301 -26.83 -21.30 3.08
CA LYS A 301 -25.61 -21.99 2.71
C LYS A 301 -25.84 -22.91 1.53
N ASN A 302 -24.92 -22.86 0.58
CA ASN A 302 -24.91 -23.71 -0.60
C ASN A 302 -24.11 -24.98 -0.32
N LYS A 303 -23.70 -25.68 -1.37
CA LYS A 303 -22.97 -26.93 -1.24
C LYS A 303 -21.56 -26.66 -0.72
N ILE A 304 -20.72 -27.70 -0.72
CA ILE A 304 -19.39 -27.70 -0.13
C ILE A 304 -18.59 -26.47 -0.57
N LEU A 305 -17.73 -25.98 0.33
CA LEU A 305 -16.94 -24.76 0.12
C LEU A 305 -17.83 -23.52 0.09
N SER A 306 -18.73 -23.41 1.08
CA SER A 306 -19.59 -22.24 1.24
C SER A 306 -19.74 -21.87 2.72
N ASP A 307 -18.71 -22.09 3.52
CA ASP A 307 -18.82 -21.87 4.95
C ASP A 307 -18.89 -20.38 5.28
N ILE A 308 -19.73 -20.04 6.26
CA ILE A 308 -19.91 -18.68 6.73
C ILE A 308 -19.87 -18.69 8.25
N ALA A 309 -19.13 -17.75 8.84
CA ALA A 309 -18.97 -17.68 10.29
C ALA A 309 -19.34 -16.29 10.79
N LEU A 310 -19.66 -16.22 12.08
CA LEU A 310 -20.01 -14.98 12.75
C LEU A 310 -19.36 -14.93 14.13
N ASP A 311 -19.05 -13.72 14.57
CA ASP A 311 -18.38 -13.54 15.87
C ASP A 311 -18.49 -12.08 16.29
N ASP A 312 -18.45 -11.88 17.60
CA ASP A 312 -18.41 -10.54 18.20
C ASP A 312 -19.64 -9.72 17.82
N ILE A 313 -20.82 -10.22 18.20
CA ILE A 313 -22.05 -9.49 17.97
C ILE A 313 -22.39 -8.67 19.21
N SER A 314 -22.67 -7.38 19.00
CA SER A 314 -22.96 -6.49 20.11
C SER A 314 -23.87 -5.36 19.62
N LEU A 315 -24.53 -4.70 20.57
CA LEU A 315 -25.44 -3.59 20.28
C LEU A 315 -25.01 -2.37 21.08
N THR A 316 -24.98 -1.22 20.41
CA THR A 316 -24.61 0.04 21.04
C THR A 316 -25.63 1.11 20.65
N TYR A 317 -26.02 1.93 21.64
CA TYR A 317 -26.99 2.98 21.40
C TYR A 317 -26.38 4.10 20.54
N GLY A 318 -27.19 4.63 19.64
CA GLY A 318 -26.77 5.71 18.77
C GLY A 318 -26.70 5.27 17.32
N ILE A 319 -26.66 6.28 16.44
CA ILE A 319 -26.56 6.01 15.00
C ILE A 319 -25.15 5.54 14.66
N CYS A 320 -25.07 4.61 13.71
CA CYS A 320 -23.78 4.08 13.29
C CYS A 320 -22.92 5.18 12.70
N ASN A 321 -21.74 5.39 13.29
CA ASN A 321 -20.83 6.42 12.79
C ASN A 321 -20.17 5.97 11.50
N GLY A 322 -19.57 6.93 10.81
CA GLY A 322 -18.89 6.66 9.55
C GLY A 322 -17.57 5.93 9.73
N CYS A 342 34.56 21.19 15.19
CA CYS A 342 35.32 20.07 14.66
C CYS A 342 35.37 18.92 15.66
N GLY A 343 34.81 19.14 16.84
CA GLY A 343 34.79 18.13 17.88
C GLY A 343 33.41 17.85 18.41
N GLY A 344 32.42 17.87 17.53
CA GLY A 344 31.04 17.68 17.91
C GLY A 344 30.71 16.24 18.25
N PRO A 345 29.42 15.92 18.34
CA PRO A 345 29.02 14.55 18.72
C PRO A 345 29.21 13.55 17.60
N PHE A 346 28.73 12.33 17.82
CA PHE A 346 28.90 11.23 16.89
C PHE A 346 27.66 10.35 16.95
N GLU A 347 27.79 9.11 16.47
CA GLU A 347 26.68 8.15 16.40
C GLU A 347 25.92 8.07 17.72
N LEU A 348 24.59 8.22 17.63
CA LEU A 348 23.71 8.15 18.79
C LEU A 348 22.67 7.05 18.57
N TRP A 349 21.82 6.83 19.56
CA TRP A 349 20.79 5.81 19.49
C TRP A 349 19.45 6.37 19.95
N GLU A 350 18.48 5.46 20.11
CA GLU A 350 17.11 5.79 20.49
C GLU A 350 17.00 6.63 21.76
N PRO A 351 17.79 6.36 22.83
CA PRO A 351 17.68 7.19 24.03
C PRO A 351 18.26 8.59 23.85
N ASN A 352 18.64 8.96 22.63
CA ASN A 352 19.26 10.25 22.36
C ASN A 352 18.49 10.97 21.25
N THR A 353 17.16 11.02 21.37
CA THR A 353 16.34 11.66 20.35
C THR A 353 16.60 13.16 20.30
N THR A 354 16.33 13.86 21.39
CA THR A 354 16.55 15.30 21.44
C THR A 354 18.03 15.60 21.56
N PHE A 355 18.53 16.52 20.73
CA PHE A 355 19.95 16.84 20.70
C PHE A 355 20.14 18.21 20.05
N SER A 356 21.06 18.99 20.61
CA SER A 356 21.55 20.20 19.96
C SER A 356 22.66 19.80 18.99
N SER A 357 23.19 20.76 18.22
CA SER A 357 24.23 20.39 17.28
C SER A 357 25.58 20.27 17.99
N THR A 358 26.15 21.40 18.41
CA THR A 358 27.20 21.36 19.42
C THR A 358 27.14 22.51 20.42
N ASN A 359 26.83 23.71 19.94
CA ASN A 359 26.72 24.92 20.79
C ASN A 359 25.41 25.57 20.38
N PHE A 360 24.30 25.07 20.93
CA PHE A 360 22.98 25.55 20.43
C PHE A 360 22.13 26.32 21.45
N PRO A 361 22.53 26.72 22.68
CA PRO A 361 21.54 27.48 23.46
C PRO A 361 21.49 28.91 22.95
N ASN A 362 22.41 29.23 22.06
CA ASN A 362 22.53 30.55 21.45
C ASN A 362 23.12 30.37 20.06
N SER A 363 23.62 31.46 19.48
CA SER A 363 24.22 31.41 18.14
C SER A 363 25.40 30.43 18.13
N TYR A 364 25.56 29.75 17.00
CA TYR A 364 26.60 28.75 16.86
C TYR A 364 27.90 29.39 16.38
N PRO A 365 29.05 28.83 16.73
CA PRO A 365 30.33 29.40 16.30
C PRO A 365 30.64 29.06 14.84
N ASN A 366 31.55 29.83 14.26
CA ASN A 366 31.96 29.61 12.89
C ASN A 366 32.94 28.43 12.80
N LEU A 367 33.22 28.02 11.57
CA LEU A 367 34.15 26.93 11.28
C LEU A 367 33.70 25.64 11.96
N ALA A 368 32.40 25.46 12.12
CA ALA A 368 31.88 24.26 12.74
C ALA A 368 31.56 23.20 11.67
N PHE A 369 31.99 21.97 11.96
CA PHE A 369 31.75 20.85 11.05
C PHE A 369 31.56 19.60 11.89
N CYS A 370 30.30 19.24 12.13
CA CYS A 370 29.94 18.08 12.94
C CYS A 370 29.19 17.06 12.08
N VAL A 371 29.04 15.86 12.62
CA VAL A 371 28.37 14.77 11.93
C VAL A 371 27.46 14.06 12.93
N TRP A 372 26.26 13.70 12.50
CA TRP A 372 25.28 13.00 13.33
C TRP A 372 24.82 11.76 12.57
N ILE A 373 25.55 10.66 12.74
CA ILE A 373 25.19 9.40 12.10
C ILE A 373 24.11 8.72 12.94
N LEU A 374 22.86 8.84 12.51
CA LEU A 374 21.75 8.24 13.25
C LEU A 374 21.66 6.75 12.96
N ASN A 375 21.76 5.94 14.01
CA ASN A 375 21.73 4.49 13.91
C ASN A 375 20.36 3.98 14.32
N ALA A 376 20.02 2.78 13.83
CA ALA A 376 18.75 2.14 14.13
C ALA A 376 18.90 0.65 13.85
N GLN A 377 17.77 -0.07 13.87
CA GLN A 377 17.76 -1.49 13.60
C GLN A 377 17.60 -1.75 12.11
N LYS A 378 17.98 -2.97 11.70
CA LYS A 378 17.89 -3.36 10.30
C LYS A 378 16.43 -3.40 9.85
N GLY A 379 16.08 -2.52 8.92
CA GLY A 379 14.73 -2.44 8.41
C GLY A 379 13.89 -1.32 8.98
N LYS A 380 14.48 -0.41 9.75
CA LYS A 380 13.76 0.71 10.36
C LYS A 380 14.37 2.00 9.83
N ASN A 381 13.53 2.82 9.19
CA ASN A 381 13.99 4.10 8.65
C ASN A 381 14.06 5.14 9.77
N ILE A 382 14.41 6.37 9.41
CA ILE A 382 14.55 7.45 10.38
C ILE A 382 13.67 8.61 9.95
N GLN A 383 12.92 9.14 10.91
CA GLN A 383 12.08 10.31 10.73
C GLN A 383 12.63 11.47 11.54
N LEU A 384 13.24 12.43 10.86
CA LEU A 384 13.89 13.57 11.51
C LEU A 384 12.94 14.75 11.49
N HIS A 385 12.53 15.20 12.68
CA HIS A 385 11.64 16.34 12.83
C HIS A 385 12.39 17.49 13.50
N PHE A 386 12.39 18.65 12.85
CA PHE A 386 13.10 19.83 13.33
C PHE A 386 12.17 20.64 14.22
N GLN A 387 12.56 20.83 15.47
CA GLN A 387 11.84 21.69 16.40
C GLN A 387 12.25 23.15 16.28
N GLU A 388 13.45 23.42 15.79
CA GLU A 388 13.94 24.78 15.59
C GLU A 388 15.01 24.73 14.50
N PHE A 389 14.90 25.64 13.54
CA PHE A 389 15.81 25.65 12.40
C PHE A 389 16.04 27.07 11.91
N ASP A 390 17.11 27.71 12.39
CA ASP A 390 17.43 29.08 12.00
C ASP A 390 18.90 29.12 11.61
N LEU A 391 19.15 29.03 10.30
CA LEU A 391 20.51 29.01 9.75
C LEU A 391 20.78 30.28 8.96
N GLU A 392 22.01 30.35 8.44
CA GLU A 392 22.45 31.49 7.63
C GLU A 392 21.94 31.34 6.21
N ASN A 393 22.51 32.11 5.28
CA ASN A 393 22.12 32.09 3.87
C ASN A 393 22.74 30.88 3.18
N ILE A 394 22.69 30.86 1.85
CA ILE A 394 23.14 29.75 1.02
C ILE A 394 24.53 29.26 1.43
N ASN A 395 25.35 30.15 2.01
CA ASN A 395 26.69 29.78 2.43
C ASN A 395 26.66 28.64 3.46
N ASP A 396 25.69 28.66 4.37
CA ASP A 396 25.55 27.65 5.40
C ASP A 396 24.30 26.83 5.16
N VAL A 397 24.46 25.53 4.94
CA VAL A 397 23.35 24.62 4.68
C VAL A 397 23.52 23.38 5.56
N VAL A 398 22.53 22.49 5.49
CA VAL A 398 22.55 21.21 6.17
C VAL A 398 22.28 20.14 5.11
N GLU A 399 23.18 19.17 5.02
CA GLU A 399 23.06 18.09 4.04
C GLU A 399 22.67 16.81 4.77
N ILE A 400 21.47 16.32 4.49
CA ILE A 400 20.94 15.10 5.11
C ILE A 400 21.13 13.99 4.09
N ARG A 401 21.75 12.90 4.53
CA ARG A 401 22.14 11.83 3.63
C ARG A 401 21.54 10.49 4.07
N ASP A 402 21.58 9.51 3.17
CA ASP A 402 21.12 8.15 3.47
C ASP A 402 22.13 7.12 2.95
N GLY A 403 23.41 7.31 3.27
CA GLY A 403 24.49 6.51 2.72
C GLY A 403 24.38 5.01 2.93
N GLU A 404 24.45 4.57 4.20
CA GLU A 404 24.43 3.16 4.59
C GLU A 404 25.70 2.45 4.12
N GLU A 405 26.57 3.17 3.44
CA GLU A 405 27.83 2.63 2.92
C GLU A 405 28.71 3.81 2.55
N ALA A 406 29.84 3.53 1.89
CA ALA A 406 30.78 4.57 1.48
C ALA A 406 30.20 5.53 0.45
N ASP A 407 29.22 5.09 -0.34
CA ASP A 407 28.57 5.95 -1.32
C ASP A 407 27.36 6.66 -0.72
N SER A 408 27.62 7.83 -0.15
CA SER A 408 26.57 8.58 0.52
C SER A 408 25.59 9.17 -0.48
N LEU A 409 24.30 8.95 -0.24
CA LEU A 409 23.25 9.48 -1.09
C LEU A 409 22.88 10.89 -0.62
N LEU A 410 21.78 11.43 -1.14
CA LEU A 410 21.29 12.74 -0.77
C LEU A 410 19.79 12.68 -0.52
N LEU A 411 19.34 13.40 0.50
CA LEU A 411 17.93 13.44 0.87
C LEU A 411 17.31 14.82 0.71
N ALA A 412 17.91 15.85 1.31
CA ALA A 412 17.39 17.21 1.23
C ALA A 412 18.48 18.17 1.69
N VAL A 413 18.39 19.39 1.19
CA VAL A 413 19.35 20.46 1.52
C VAL A 413 18.54 21.59 2.15
N TYR A 414 18.57 21.68 3.47
CA TYR A 414 17.84 22.72 4.18
C TYR A 414 18.80 23.79 4.70
N THR A 415 18.30 25.04 4.72
CA THR A 415 19.08 26.17 5.19
C THR A 415 18.14 27.33 5.47
N GLY A 416 18.65 28.31 6.20
CA GLY A 416 17.89 29.51 6.51
C GLY A 416 16.80 29.28 7.53
N PRO A 417 16.34 30.35 8.17
CA PRO A 417 15.26 30.23 9.15
C PRO A 417 13.91 29.98 8.48
N GLY A 418 13.40 28.75 8.61
CA GLY A 418 12.13 28.39 8.02
C GLY A 418 11.64 27.03 8.47
N PRO A 419 10.33 26.84 8.47
CA PRO A 419 9.73 25.55 8.87
C PRO A 419 9.87 24.47 7.79
N VAL A 420 11.05 23.85 7.76
CA VAL A 420 11.32 22.80 6.77
C VAL A 420 10.45 21.60 7.07
N LYS A 421 10.17 20.81 6.03
CA LYS A 421 9.31 19.63 6.17
C LYS A 421 10.07 18.50 6.85
N ASP A 422 9.38 17.38 7.09
CA ASP A 422 9.99 16.23 7.74
C ASP A 422 10.85 15.46 6.74
N VAL A 423 11.85 14.75 7.27
CA VAL A 423 12.78 13.98 6.46
C VAL A 423 12.57 12.51 6.80
N PHE A 424 12.23 11.71 5.79
CA PHE A 424 11.99 10.28 5.95
C PHE A 424 13.09 9.52 5.21
N SER A 425 13.91 8.81 5.97
CA SER A 425 15.02 8.06 5.39
C SER A 425 14.52 6.75 4.79
N THR A 426 15.45 6.00 4.19
CA THR A 426 15.15 4.69 3.62
C THR A 426 15.85 3.55 4.36
N THR A 427 17.16 3.67 4.58
CA THR A 427 17.90 2.65 5.32
C THR A 427 17.98 3.03 6.80
N ASN A 428 18.77 2.26 7.53
CA ASN A 428 18.94 2.47 8.97
C ASN A 428 20.06 3.44 9.32
N ARG A 429 20.65 4.15 8.36
CA ARG A 429 21.73 5.09 8.64
C ARG A 429 21.44 6.41 7.95
N MET A 430 21.71 7.49 8.67
CA MET A 430 21.53 8.84 8.14
C MET A 430 22.69 9.74 8.53
N THR A 431 23.38 10.31 7.55
CA THR A 431 24.50 11.19 7.80
C THR A 431 24.10 12.64 7.57
N VAL A 432 24.40 13.49 8.56
CA VAL A 432 24.06 14.91 8.51
C VAL A 432 25.37 15.68 8.67
N LEU A 433 25.65 16.57 7.72
CA LEU A 433 26.85 17.39 7.76
C LEU A 433 26.45 18.85 7.89
N LEU A 434 27.13 19.58 8.77
CA LEU A 434 26.86 20.99 9.01
C LEU A 434 27.97 21.82 8.40
N ILE A 435 27.71 22.40 7.23
CA ILE A 435 28.66 23.25 6.53
C ILE A 435 28.47 24.68 6.98
N THR A 436 29.48 25.22 7.68
CA THR A 436 29.41 26.57 8.20
C THR A 436 30.55 27.40 7.63
N ASN A 437 30.29 28.69 7.45
CA ASN A 437 31.30 29.62 6.97
C ASN A 437 32.12 30.18 8.12
N ASP A 438 32.91 31.22 7.86
CA ASP A 438 33.80 31.80 8.87
C ASP A 438 33.38 33.21 9.28
N VAL A 439 32.15 33.61 8.99
CA VAL A 439 31.67 34.96 9.31
C VAL A 439 30.15 34.94 9.32
N LEU A 440 29.55 35.91 10.00
CA LEU A 440 28.10 36.08 10.09
C LEU A 440 27.44 34.80 10.65
N ALA A 441 27.80 34.51 11.90
CA ALA A 441 27.26 33.34 12.59
C ALA A 441 25.79 33.55 12.91
N ARG A 442 24.95 32.60 12.49
CA ARG A 442 23.51 32.68 12.74
C ARG A 442 23.19 31.93 14.03
N GLY A 443 21.90 31.72 14.29
CA GLY A 443 21.47 31.06 15.51
C GLY A 443 21.80 29.58 15.56
N GLY A 444 21.18 28.79 14.69
CA GLY A 444 21.41 27.36 14.67
C GLY A 444 20.15 26.55 14.46
N PHE A 445 20.26 25.22 14.53
CA PHE A 445 19.12 24.35 14.28
C PHE A 445 18.93 23.40 15.46
N LYS A 446 17.80 22.70 15.49
CA LYS A 446 17.49 21.75 16.54
C LYS A 446 16.45 20.77 16.00
N ALA A 447 16.67 19.49 16.27
CA ALA A 447 15.79 18.45 15.77
C ALA A 447 15.82 17.25 16.71
N ASN A 448 14.89 16.33 16.49
CA ASN A 448 14.80 15.09 17.27
C ASN A 448 14.17 14.03 16.36
N PHE A 449 14.74 12.83 16.39
CA PHE A 449 14.27 11.76 15.53
C PHE A 449 13.36 10.80 16.28
N THR A 450 12.74 9.89 15.53
CA THR A 450 11.86 8.87 16.09
C THR A 450 11.84 7.69 15.12
N THR A 451 12.33 6.55 15.58
CA THR A 451 12.39 5.36 14.73
C THR A 451 11.00 4.77 14.54
N GLY A 452 10.81 4.13 13.39
CA GLY A 452 9.53 3.51 13.08
C GLY A 452 9.62 2.44 12.00
N TYR A 453 8.49 2.14 11.36
CA TYR A 453 8.42 1.13 10.32
C TYR A 453 7.68 1.72 9.12
N HIS A 454 8.40 1.91 8.01
CA HIS A 454 7.82 2.44 6.77
C HIS A 454 7.19 3.81 7.00
N LEU A 455 7.89 4.68 7.71
CA LEU A 455 7.39 6.02 7.96
C LEU A 455 7.49 6.87 6.70
N GLY A 456 6.57 7.83 6.58
CA GLY A 456 6.55 8.71 5.42
C GLY A 456 5.75 8.14 4.27
N ILE A 457 6.21 7.03 3.71
CA ILE A 457 5.53 6.36 2.61
C ILE A 457 4.21 5.79 3.14
N PRO A 458 3.07 6.21 2.60
CA PRO A 458 1.79 5.67 3.07
C PRO A 458 1.62 4.22 2.67
N GLU A 459 0.77 3.53 3.41
CA GLU A 459 0.50 2.12 3.14
C GLU A 459 -0.23 1.96 1.82
N PRO A 460 0.30 1.19 0.88
CA PRO A 460 -0.41 1.00 -0.40
C PRO A 460 -1.71 0.27 -0.20
N CYS A 461 -2.77 0.81 -0.79
CA CYS A 461 -4.09 0.20 -0.69
C CYS A 461 -4.13 -1.12 -1.46
N LYS A 462 -4.67 -2.15 -0.83
CA LYS A 462 -4.74 -3.47 -1.43
C LYS A 462 -5.96 -3.56 -2.35
N ALA A 463 -6.31 -4.78 -2.76
CA ALA A 463 -7.44 -5.05 -3.65
C ALA A 463 -7.28 -4.32 -4.98
N ASP A 464 -6.24 -4.74 -5.70
CA ASP A 464 -5.91 -4.26 -7.05
C ASP A 464 -6.03 -2.73 -7.16
N HIS A 465 -5.50 -2.04 -6.16
CA HIS A 465 -5.44 -0.58 -6.15
C HIS A 465 -4.02 -0.15 -6.49
N PHE A 466 -3.83 0.36 -7.70
CA PHE A 466 -2.52 0.82 -8.15
C PHE A 466 -2.17 2.12 -7.44
N GLN A 467 -0.97 2.20 -6.90
CA GLN A 467 -0.51 3.38 -6.16
C GLN A 467 0.57 4.08 -6.97
N CYS A 468 0.38 5.37 -7.23
CA CYS A 468 1.38 6.14 -7.94
C CYS A 468 2.35 6.80 -6.95
N LYS A 469 3.19 7.70 -7.47
CA LYS A 469 4.26 8.28 -6.67
C LYS A 469 3.73 9.21 -5.58
N ASN A 470 2.67 9.96 -5.85
CA ASN A 470 2.17 10.93 -4.88
C ASN A 470 1.51 10.29 -3.67
N GLY A 471 1.01 9.05 -3.78
CA GLY A 471 0.44 8.33 -2.68
C GLY A 471 -1.03 7.95 -2.85
N GLU A 472 -1.74 8.64 -3.74
CA GLU A 472 -3.16 8.35 -3.92
C GLU A 472 -3.36 6.99 -4.59
N CYS A 473 -4.61 6.53 -4.58
CA CYS A 473 -4.97 5.23 -5.12
C CYS A 473 -5.79 5.40 -6.40
N VAL A 474 -5.36 4.72 -7.45
CA VAL A 474 -6.02 4.77 -8.75
C VAL A 474 -5.94 3.39 -9.40
N PRO A 475 -6.95 2.53 -9.22
CA PRO A 475 -6.87 1.16 -9.76
C PRO A 475 -6.77 1.12 -11.27
N LEU A 476 -7.81 1.60 -11.96
CA LEU A 476 -7.83 1.59 -13.41
C LEU A 476 -8.40 2.87 -14.00
N VAL A 477 -8.72 3.88 -13.19
CA VAL A 477 -9.28 5.11 -13.72
C VAL A 477 -8.22 5.95 -14.42
N ASN A 478 -6.94 5.61 -14.25
CA ASN A 478 -5.87 6.38 -14.87
C ASN A 478 -4.71 5.52 -15.34
N LEU A 479 -4.89 4.20 -15.49
CA LEU A 479 -3.79 3.32 -15.86
C LEU A 479 -3.62 3.30 -17.38
N CYS A 480 -2.90 4.30 -17.88
CA CYS A 480 -2.59 4.44 -19.31
C CYS A 480 -3.88 4.50 -20.14
N ASP A 481 -4.68 5.54 -19.89
CA ASP A 481 -5.91 5.75 -20.64
C ASP A 481 -6.06 7.19 -21.14
N GLY A 482 -5.33 8.15 -20.55
CA GLY A 482 -5.39 9.51 -20.98
C GLY A 482 -5.84 10.52 -19.94
N HIS A 483 -5.68 10.24 -18.66
CA HIS A 483 -6.07 11.12 -17.58
C HIS A 483 -4.83 11.55 -16.79
N LEU A 484 -5.02 12.53 -15.92
CA LEU A 484 -3.94 13.14 -15.14
C LEU A 484 -4.32 13.24 -13.66
N HIS A 485 -4.82 12.12 -13.10
CA HIS A 485 -5.18 12.13 -11.69
C HIS A 485 -3.96 12.32 -10.79
N CYS A 486 -2.95 11.47 -10.95
CA CYS A 486 -1.72 11.57 -10.16
C CYS A 486 -0.92 12.78 -10.63
N GLU A 487 -0.60 13.67 -9.68
CA GLU A 487 0.12 14.89 -10.04
C GLU A 487 1.58 14.61 -10.36
N ASP A 488 2.12 13.47 -9.88
CA ASP A 488 3.50 13.10 -10.17
C ASP A 488 3.66 12.45 -11.53
N GLY A 489 2.58 12.24 -12.27
CA GLY A 489 2.68 11.65 -13.60
C GLY A 489 2.93 10.15 -13.60
N SER A 490 2.94 9.52 -12.43
CA SER A 490 3.15 8.08 -12.37
C SER A 490 1.91 7.29 -12.75
N ASP A 491 0.76 7.96 -12.88
CA ASP A 491 -0.44 7.27 -13.35
C ASP A 491 -0.31 6.85 -14.81
N GLU A 492 0.41 7.62 -15.60
CA GLU A 492 0.66 7.31 -17.02
C GLU A 492 2.04 6.69 -17.21
N ALA A 493 2.47 5.85 -16.27
CA ALA A 493 3.81 5.30 -16.27
C ALA A 493 3.95 4.26 -17.38
N ASP A 494 5.08 3.56 -17.40
CA ASP A 494 5.42 2.64 -18.48
C ASP A 494 4.40 1.53 -18.64
N CYS A 495 3.69 1.55 -19.76
CA CYS A 495 2.78 0.48 -20.16
C CYS A 495 3.09 -0.03 -21.56
N VAL A 496 3.50 0.85 -22.47
CA VAL A 496 3.89 0.47 -23.82
C VAL A 496 5.38 0.73 -23.99
N ARG A 497 6.09 -0.23 -24.58
CA ARG A 497 7.52 -0.11 -24.75
C ARG A 497 7.96 -1.05 -25.87
N PHE A 498 9.23 -0.92 -26.26
CA PHE A 498 9.80 -1.77 -27.29
C PHE A 498 10.06 -3.17 -26.75
N PHE A 499 9.85 -4.16 -27.61
CA PHE A 499 10.04 -5.56 -27.25
C PHE A 499 10.99 -6.21 -28.26
N ASN A 500 12.09 -6.76 -27.75
CA ASN A 500 13.10 -7.41 -28.59
C ASN A 500 13.60 -6.46 -29.68
N GLY A 501 13.93 -5.23 -29.29
CA GLY A 501 14.38 -4.25 -30.26
C GLY A 501 15.87 -4.37 -30.50
N THR A 502 16.29 -4.14 -31.75
CA THR A 502 17.71 -4.19 -32.09
C THR A 502 18.44 -2.96 -31.56
N THR A 503 18.00 -1.78 -31.98
CA THR A 503 18.59 -0.53 -31.53
C THR A 503 17.71 0.10 -30.44
N ASN A 504 18.05 1.31 -30.03
CA ASN A 504 17.30 1.99 -28.99
C ASN A 504 15.89 2.35 -29.47
N ASN A 505 15.81 3.00 -30.63
CA ASN A 505 14.53 3.41 -31.20
C ASN A 505 14.03 2.33 -32.16
N ASN A 506 13.87 1.14 -31.62
CA ASN A 506 13.40 -0.01 -32.39
C ASN A 506 12.84 -1.05 -31.41
N GLY A 507 11.82 -1.77 -31.87
CA GLY A 507 11.18 -2.79 -31.08
C GLY A 507 9.73 -2.99 -31.49
N LEU A 508 9.02 -3.80 -30.70
CA LEU A 508 7.62 -4.10 -30.96
C LEU A 508 6.73 -3.01 -30.39
N VAL A 509 5.42 -3.29 -30.37
CA VAL A 509 4.43 -2.31 -29.94
C VAL A 509 3.66 -2.90 -28.75
N ARG A 510 4.35 -3.71 -27.94
CA ARG A 510 3.75 -4.36 -26.78
C ARG A 510 3.12 -3.34 -25.84
N PHE A 511 1.81 -3.49 -25.63
CA PHE A 511 1.05 -2.60 -24.76
C PHE A 511 0.80 -3.26 -23.42
N ARG A 512 -0.01 -2.59 -22.59
CA ARG A 512 -0.38 -3.11 -21.28
C ARG A 512 -1.72 -2.51 -20.91
N ILE A 513 -2.75 -3.35 -20.78
CA ILE A 513 -4.07 -2.84 -20.44
C ILE A 513 -4.15 -2.52 -18.95
N GLN A 514 -3.95 -3.52 -18.09
CA GLN A 514 -3.83 -3.29 -16.66
C GLN A 514 -2.52 -3.82 -16.08
N SER A 515 -2.23 -5.10 -16.26
CA SER A 515 -1.01 -5.69 -15.75
C SER A 515 -0.31 -6.52 -16.82
N ILE A 516 -1.09 -7.15 -17.69
CA ILE A 516 -0.53 -8.03 -18.70
C ILE A 516 0.17 -7.21 -19.77
N TRP A 517 1.45 -7.51 -20.00
CA TRP A 517 2.22 -6.88 -21.07
C TRP A 517 2.07 -7.71 -22.33
N HIS A 518 1.27 -7.22 -23.28
CA HIS A 518 0.97 -7.95 -24.49
C HIS A 518 1.14 -7.04 -25.70
N THR A 519 1.29 -7.66 -26.86
CA THR A 519 1.49 -6.92 -28.11
C THR A 519 0.16 -6.40 -28.63
N ALA A 520 0.14 -5.94 -29.87
CA ALA A 520 -1.05 -5.36 -30.48
C ALA A 520 -1.26 -5.95 -31.86
N CYS A 521 -2.47 -5.77 -32.40
CA CYS A 521 -2.80 -6.26 -33.72
C CYS A 521 -2.54 -5.16 -34.75
N ALA A 522 -2.73 -5.48 -36.02
CA ALA A 522 -2.52 -4.53 -37.12
C ALA A 522 -3.65 -4.64 -38.14
N GLU A 523 -4.89 -4.75 -37.66
CA GLU A 523 -6.02 -4.86 -38.58
C GLU A 523 -6.25 -3.55 -39.33
N ASN A 524 -6.18 -2.43 -38.63
CA ASN A 524 -6.38 -1.11 -39.22
C ASN A 524 -5.20 -0.20 -38.91
N TRP A 525 -3.98 -0.71 -39.11
CA TRP A 525 -2.78 0.06 -38.80
C TRP A 525 -2.53 1.11 -39.88
N THR A 526 -2.30 2.35 -39.44
CA THR A 526 -2.01 3.46 -40.34
C THR A 526 -0.80 4.24 -39.81
N THR A 527 -0.39 5.24 -40.59
CA THR A 527 0.74 6.06 -40.19
C THR A 527 0.34 7.06 -39.10
N GLN A 528 -0.92 7.48 -39.09
CA GLN A 528 -1.39 8.41 -38.06
C GLN A 528 -1.25 7.80 -36.67
N ILE A 529 -1.87 6.63 -36.46
CA ILE A 529 -1.72 5.95 -35.18
C ILE A 529 -0.28 5.51 -34.95
N SER A 530 0.49 5.30 -36.02
CA SER A 530 1.90 4.95 -35.87
C SER A 530 2.66 6.08 -35.18
N ASN A 531 2.55 7.30 -35.71
CA ASN A 531 3.23 8.43 -35.07
C ASN A 531 2.59 8.77 -33.73
N ASP A 532 1.30 8.48 -33.56
CA ASP A 532 0.67 8.67 -32.24
C ASP A 532 1.32 7.77 -31.20
N VAL A 533 1.53 6.50 -31.53
CA VAL A 533 2.19 5.58 -30.61
C VAL A 533 3.64 5.98 -30.39
N CYS A 534 4.31 6.42 -31.47
CA CYS A 534 5.67 6.92 -31.34
C CYS A 534 5.76 8.08 -30.36
N GLN A 535 4.79 8.99 -30.40
CA GLN A 535 4.76 10.08 -29.43
C GLN A 535 4.44 9.57 -28.04
N LEU A 536 3.57 8.56 -27.95
CA LEU A 536 3.26 7.96 -26.65
C LEU A 536 4.48 7.23 -26.08
N LEU A 537 5.35 6.74 -26.95
CA LEU A 537 6.57 6.07 -26.50
C LEU A 537 7.65 7.05 -26.08
N GLY A 538 7.46 8.35 -26.29
CA GLY A 538 8.44 9.34 -25.95
C GLY A 538 9.37 9.72 -27.09
N LEU A 539 9.31 9.00 -28.21
CA LEU A 539 10.14 9.30 -29.36
C LEU A 539 9.48 10.35 -30.24
N GLY A 540 10.04 10.54 -31.43
CA GLY A 540 9.49 11.50 -32.38
C GLY A 540 8.30 10.96 -33.14
N SER A 541 8.26 11.20 -34.44
CA SER A 541 7.17 10.73 -35.29
C SER A 541 7.48 9.34 -35.82
N GLY A 542 6.51 8.77 -36.54
CA GLY A 542 6.69 7.46 -37.13
C GLY A 542 7.41 7.50 -38.46
N ASN A 543 8.63 6.97 -38.50
CA ASN A 543 9.39 6.96 -39.74
C ASN A 543 8.85 5.92 -40.71
N SER A 544 8.56 4.72 -40.22
CA SER A 544 8.04 3.65 -41.06
C SER A 544 7.33 2.63 -40.18
N SER A 545 6.76 1.62 -40.83
CA SER A 545 6.06 0.55 -40.12
C SER A 545 5.98 -0.66 -41.05
N LYS A 546 6.64 -1.75 -40.67
CA LYS A 546 6.73 -2.94 -41.51
C LYS A 546 6.32 -4.17 -40.70
N PRO A 547 5.18 -4.79 -41.03
CA PRO A 547 4.81 -6.04 -40.35
C PRO A 547 5.65 -7.20 -40.87
N ILE A 548 6.03 -8.10 -39.97
CA ILE A 548 6.89 -9.22 -40.33
C ILE A 548 6.14 -10.54 -40.16
N PHE A 549 5.74 -10.85 -38.92
CA PHE A 549 5.10 -12.12 -38.60
C PHE A 549 4.51 -12.08 -37.20
N PRO A 550 3.50 -12.91 -36.91
CA PRO A 550 2.97 -12.97 -35.54
C PRO A 550 3.70 -13.99 -34.67
N THR A 551 4.15 -13.55 -33.49
CA THR A 551 4.90 -14.42 -32.60
C THR A 551 4.40 -14.41 -31.14
N ASP A 552 3.69 -13.36 -30.72
CA ASP A 552 3.21 -13.28 -29.35
C ASP A 552 1.84 -13.93 -29.23
N GLY A 553 1.65 -14.70 -28.16
CA GLY A 553 0.38 -15.33 -27.86
C GLY A 553 -0.46 -14.63 -26.83
N GLY A 554 -0.03 -13.46 -26.36
CA GLY A 554 -0.77 -12.73 -25.35
C GLY A 554 -2.03 -12.09 -25.89
N PRO A 555 -2.81 -11.46 -25.01
CA PRO A 555 -4.06 -10.83 -25.46
C PRO A 555 -3.81 -9.57 -26.26
N PHE A 556 -3.42 -9.74 -27.53
CA PHE A 556 -3.14 -8.59 -28.38
C PHE A 556 -4.39 -7.73 -28.55
N VAL A 557 -4.17 -6.42 -28.65
CA VAL A 557 -5.24 -5.44 -28.69
C VAL A 557 -5.25 -4.77 -30.05
N LYS A 558 -6.44 -4.56 -30.60
CA LYS A 558 -6.60 -3.87 -31.89
C LYS A 558 -6.61 -2.37 -31.62
N LEU A 559 -5.53 -1.71 -31.98
CA LEU A 559 -5.43 -0.26 -31.79
C LEU A 559 -6.27 0.45 -32.84
N ASN A 560 -7.23 1.26 -32.39
CA ASN A 560 -8.09 2.03 -33.28
C ASN A 560 -8.00 3.50 -32.89
N THR A 561 -8.60 4.36 -33.70
CA THR A 561 -8.59 5.79 -33.46
C THR A 561 -9.98 6.35 -33.70
N ALA A 562 -10.21 7.53 -33.14
CA ALA A 562 -11.48 8.24 -33.25
C ALA A 562 -11.21 9.72 -33.49
N PRO A 563 -12.14 10.43 -34.14
CA PRO A 563 -11.92 11.85 -34.42
C PRO A 563 -11.85 12.72 -33.18
N ASP A 564 -12.17 12.20 -31.99
CA ASP A 564 -12.08 12.99 -30.78
C ASP A 564 -10.65 13.30 -30.41
N GLY A 565 -9.71 12.42 -30.77
CA GLY A 565 -8.30 12.60 -30.50
C GLY A 565 -7.65 11.40 -29.81
N HIS A 566 -8.39 10.72 -28.94
CA HIS A 566 -7.83 9.58 -28.23
C HIS A 566 -7.86 8.33 -29.09
N LEU A 567 -7.03 7.36 -28.70
CA LEU A 567 -6.95 6.08 -29.40
C LEU A 567 -7.81 5.07 -28.64
N ILE A 568 -8.68 4.38 -29.37
CA ILE A 568 -9.56 3.36 -28.77
C ILE A 568 -8.84 2.03 -28.94
N LEU A 569 -8.55 1.39 -27.81
CA LEU A 569 -7.84 0.11 -27.79
C LEU A 569 -8.72 -0.94 -27.13
N THR A 570 -9.33 -1.77 -27.98
CA THR A 570 -10.18 -2.86 -27.51
C THR A 570 -9.40 -4.17 -27.49
N PRO A 571 -9.10 -4.70 -26.29
CA PRO A 571 -8.31 -5.93 -26.18
C PRO A 571 -9.10 -7.20 -26.52
N SER A 572 -9.54 -7.30 -27.77
CA SER A 572 -10.27 -8.49 -28.21
C SER A 572 -9.30 -9.53 -28.75
N GLN A 573 -9.39 -10.75 -28.23
CA GLN A 573 -8.52 -11.85 -28.64
C GLN A 573 -9.22 -12.65 -29.74
N GLN A 574 -9.31 -12.03 -30.92
CA GLN A 574 -9.88 -12.69 -32.09
C GLN A 574 -9.41 -12.02 -33.36
N CYS A 575 -8.56 -12.70 -34.14
CA CYS A 575 -8.04 -12.13 -35.37
C CYS A 575 -7.44 -13.25 -36.21
N LEU A 576 -7.62 -13.12 -37.52
CA LEU A 576 -7.06 -14.07 -38.48
C LEU A 576 -5.88 -13.42 -39.20
N GLN A 577 -4.87 -14.22 -39.52
CA GLN A 577 -3.62 -13.80 -40.16
C GLN A 577 -3.16 -12.44 -39.63
N ASP A 578 -2.98 -12.38 -38.31
CA ASP A 578 -2.52 -11.16 -37.68
C ASP A 578 -1.08 -10.87 -38.07
N SER A 579 -0.68 -9.61 -37.94
CA SER A 579 0.66 -9.16 -38.30
C SER A 579 1.16 -8.23 -37.19
N LEU A 580 2.42 -8.38 -36.80
CA LEU A 580 3.02 -7.54 -35.78
C LEU A 580 3.83 -6.43 -36.44
N ILE A 581 3.44 -5.18 -36.19
CA ILE A 581 4.12 -4.04 -36.79
C ILE A 581 5.45 -3.82 -36.10
N ARG A 582 6.53 -3.84 -36.87
CA ARG A 582 7.86 -3.50 -36.37
C ARG A 582 7.99 -1.98 -36.39
N LEU A 583 7.69 -1.34 -35.27
CA LEU A 583 7.65 0.10 -35.20
C LEU A 583 9.07 0.68 -35.24
N GLN A 584 9.24 1.71 -36.06
CA GLN A 584 10.53 2.39 -36.20
C GLN A 584 10.26 3.89 -36.20
N CYS A 585 10.48 4.53 -35.07
CA CYS A 585 10.22 5.96 -34.90
C CYS A 585 11.52 6.74 -35.10
N ASN A 586 11.41 7.87 -35.79
CA ASN A 586 12.55 8.75 -35.97
C ASN A 586 12.80 9.55 -34.70
N HIS A 587 13.94 10.24 -34.66
CA HIS A 587 14.33 10.98 -33.48
C HIS A 587 13.50 12.27 -33.36
N LYS A 588 13.53 12.85 -32.17
CA LYS A 588 12.79 14.07 -31.88
C LYS A 588 13.58 15.28 -32.39
N SER A 589 13.24 16.46 -31.89
CA SER A 589 13.94 17.68 -32.28
C SER A 589 15.30 17.74 -31.59
N CYS A 590 16.29 17.07 -32.17
CA CYS A 590 17.63 16.99 -31.62
C CYS A 590 18.34 18.34 -31.83
N GLY A 591 19.63 18.36 -31.50
CA GLY A 591 20.40 19.59 -31.60
C GLY A 591 20.75 19.97 -33.02
N LYS A 592 19.74 20.36 -33.80
CA LYS A 592 19.93 20.79 -35.18
C LYS A 592 19.74 22.31 -35.25
N LYS A 593 20.77 23.01 -35.70
CA LYS A 593 20.72 24.47 -35.79
C LYS A 593 19.79 24.88 -36.92
N LEU A 594 18.68 25.54 -36.56
CA LEU A 594 17.70 25.98 -37.54
C LEU A 594 17.73 27.48 -37.77
N ALA A 595 18.63 28.21 -37.10
CA ALA A 595 18.72 29.65 -37.27
C ALA A 595 19.51 29.98 -38.54
N ALA A 596 19.88 31.25 -38.71
CA ALA A 596 20.64 31.69 -39.87
C ALA A 596 22.12 31.71 -39.51
N GLN A 597 22.71 30.52 -39.42
CA GLN A 597 24.11 30.36 -39.10
C GLN A 597 24.91 30.03 -40.36
N ASP A 598 26.22 30.24 -40.27
CA ASP A 598 27.13 29.95 -41.37
C ASP A 598 28.28 29.11 -40.84
N ILE A 599 29.28 28.89 -41.68
CA ILE A 599 30.46 28.10 -41.33
C ILE A 599 31.69 28.99 -41.52
N THR A 600 32.38 29.30 -40.43
CA THR A 600 33.57 30.13 -40.46
C THR A 600 34.63 29.48 -39.58
N PRO A 601 35.81 29.18 -40.10
CA PRO A 601 36.88 28.57 -39.29
C PRO A 601 37.59 29.58 -38.40
N LYS A 602 36.84 30.19 -37.50
CA LYS A 602 37.39 31.20 -36.60
C LYS A 602 36.56 31.29 -35.31
N ILE B 1 34.73 30.72 -21.27
CA ILE B 1 35.42 30.89 -22.55
C ILE B 1 36.40 32.07 -22.44
N VAL B 2 37.69 31.75 -22.48
CA VAL B 2 38.73 32.75 -22.35
C VAL B 2 39.40 33.05 -23.68
N GLY B 3 39.55 32.05 -24.53
CA GLY B 3 40.22 32.23 -25.81
C GLY B 3 39.31 32.06 -27.00
N GLY B 4 38.06 32.49 -26.87
CA GLY B 4 37.09 32.39 -27.93
C GLY B 4 36.66 33.76 -28.46
N SER B 5 35.75 33.71 -29.43
CA SER B 5 35.20 34.89 -30.06
C SER B 5 33.69 34.93 -29.87
N ASN B 6 33.08 36.04 -30.29
CA ASN B 6 31.64 36.18 -30.17
C ASN B 6 30.93 35.21 -31.09
N ALA B 7 29.79 34.71 -30.63
CA ALA B 7 28.99 33.75 -31.38
C ALA B 7 27.82 34.46 -32.05
N LYS B 8 27.34 33.89 -33.16
CA LYS B 8 26.22 34.48 -33.88
C LYS B 8 24.94 34.34 -33.07
N GLU B 9 24.07 35.35 -33.19
CA GLU B 9 22.78 35.33 -32.49
C GLU B 9 21.90 34.21 -33.01
N GLY B 10 21.62 33.23 -32.16
CA GLY B 10 20.80 32.08 -32.54
C GLY B 10 21.59 30.83 -32.85
N ALA B 11 22.92 30.89 -32.86
CA ALA B 11 23.73 29.72 -33.14
C ALA B 11 23.65 28.66 -32.06
N TRP B 12 23.21 29.01 -30.84
CA TRP B 12 23.06 28.07 -29.75
C TRP B 12 21.74 28.34 -29.05
N PRO B 13 20.64 27.83 -29.60
CA PRO B 13 19.32 28.12 -29.02
C PRO B 13 19.06 27.34 -27.73
N TRP B 14 19.80 26.25 -27.53
CA TRP B 14 19.62 25.39 -26.36
C TRP B 14 20.50 25.80 -25.19
N VAL B 15 20.93 27.06 -25.12
CA VAL B 15 21.74 27.58 -24.02
C VAL B 15 20.87 28.55 -23.24
N VAL B 16 20.48 28.15 -22.02
CA VAL B 16 19.61 28.94 -21.17
C VAL B 16 20.43 29.65 -20.12
N GLY B 17 20.17 30.94 -19.92
CA GLY B 17 20.83 31.72 -18.91
C GLY B 17 20.03 31.75 -17.63
N LEU B 18 20.60 31.21 -16.57
CA LEU B 18 19.94 31.10 -15.28
C LEU B 18 20.32 32.30 -14.41
N TYR B 19 19.33 33.11 -14.04
CA TYR B 19 19.53 34.26 -13.19
C TYR B 19 18.91 34.01 -11.82
N TYR B 20 19.66 34.34 -10.77
CA TYR B 20 19.20 34.17 -9.39
C TYR B 20 18.86 35.57 -8.86
N GLY B 21 17.62 35.99 -9.07
CA GLY B 21 17.20 37.31 -8.64
C GLY B 21 17.86 38.43 -9.44
N GLY B 22 18.11 38.16 -10.73
CA GLY B 22 18.74 39.14 -11.59
C GLY B 22 20.25 39.07 -11.60
N ARG B 23 20.80 37.85 -11.64
CA ARG B 23 22.25 37.67 -11.70
C ARG B 23 22.59 36.29 -12.25
N LEU B 24 23.29 36.25 -13.38
CA LEU B 24 23.60 34.99 -14.02
C LEU B 24 24.70 34.25 -13.24
N LEU B 25 24.48 32.97 -12.98
CA LEU B 25 25.43 32.14 -12.24
C LEU B 25 25.98 31.00 -13.08
N CYS B 26 25.12 30.19 -13.68
CA CYS B 26 25.57 29.02 -14.43
C CYS B 26 24.56 28.73 -15.53
N GLY B 27 25.06 28.32 -16.70
CA GLY B 27 24.19 28.02 -17.82
C GLY B 27 23.45 26.70 -17.63
N ALA B 28 22.43 26.52 -18.47
CA ALA B 28 21.59 25.34 -18.43
C ALA B 28 21.50 24.76 -19.83
N SER B 29 20.68 23.72 -19.99
CA SER B 29 20.47 23.06 -21.28
C SER B 29 19.03 22.54 -21.30
N LEU B 30 18.19 23.20 -22.09
CA LEU B 30 16.79 22.82 -22.20
C LEU B 30 16.64 21.52 -22.98
N VAL B 31 16.00 20.51 -22.39
CA VAL B 31 15.83 19.22 -23.03
C VAL B 31 14.35 19.00 -23.36
N SER B 32 13.49 19.14 -22.36
CA SER B 32 12.07 18.93 -22.54
C SER B 32 11.39 20.29 -22.64
N SER B 33 10.06 20.28 -22.81
CA SER B 33 9.32 21.53 -22.89
C SER B 33 9.32 22.29 -21.56
N ASP B 34 9.59 21.61 -20.45
CA ASP B 34 9.63 22.26 -19.16
C ASP B 34 10.79 21.82 -18.28
N TRP B 35 11.70 20.99 -18.78
CA TRP B 35 12.84 20.51 -18.00
C TRP B 35 14.13 21.08 -18.55
N LEU B 36 15.07 21.35 -17.64
CA LEU B 36 16.38 21.88 -17.99
C LEU B 36 17.46 20.93 -17.47
N VAL B 37 18.70 21.17 -17.89
CA VAL B 37 19.85 20.41 -17.43
C VAL B 37 20.98 21.36 -17.08
N SER B 38 21.37 21.40 -15.81
CA SER B 38 22.43 22.28 -15.35
C SER B 38 23.28 21.55 -14.31
N ALA B 39 24.44 22.12 -14.02
CA ALA B 39 25.34 21.53 -13.03
C ALA B 39 24.74 21.65 -11.64
N ALA B 40 25.01 20.67 -10.79
CA ALA B 40 24.46 20.62 -9.45
C ALA B 40 25.35 21.28 -8.40
N HIS B 41 26.32 22.10 -8.81
CA HIS B 41 27.19 22.79 -7.87
C HIS B 41 26.78 24.24 -7.65
N CYS B 42 26.10 24.86 -8.60
CA CYS B 42 25.62 26.23 -8.45
C CYS B 42 24.22 26.32 -7.87
N VAL B 43 23.48 25.21 -7.84
CA VAL B 43 22.14 25.19 -7.28
C VAL B 43 22.18 24.55 -5.89
N TYR B 44 23.38 24.39 -5.35
CA TYR B 44 23.57 23.77 -4.04
C TYR B 44 23.19 24.77 -2.96
N GLY B 45 22.11 24.47 -2.23
CA GLY B 45 21.64 25.33 -1.16
C GLY B 45 20.54 26.29 -1.56
N ARG B 46 19.99 26.17 -2.77
CA ARG B 46 18.96 27.08 -3.23
C ARG B 46 17.68 26.37 -3.69
N ASN B 47 17.57 25.07 -3.45
CA ASN B 47 16.39 24.31 -3.88
C ASN B 47 15.17 24.57 -3.01
N LEU B 48 15.31 25.31 -1.90
CA LEU B 48 14.16 25.58 -1.05
C LEU B 48 13.23 26.61 -1.68
N GLU B 49 13.79 27.60 -2.39
CA GLU B 49 13.01 28.63 -3.06
C GLU B 49 13.29 28.57 -4.55
N PRO B 50 12.59 27.71 -5.29
CA PRO B 50 12.83 27.66 -6.75
C PRO B 50 12.40 28.92 -7.47
N SER B 51 11.53 29.72 -6.87
CA SER B 51 11.05 30.96 -7.49
C SER B 51 12.13 32.01 -7.63
N LYS B 52 13.28 31.84 -6.99
CA LYS B 52 14.38 32.80 -7.10
C LYS B 52 15.20 32.61 -8.38
N TRP B 53 14.99 31.52 -9.11
CA TRP B 53 15.68 31.26 -10.36
C TRP B 53 14.78 31.62 -11.53
N THR B 54 15.23 32.52 -12.39
CA THR B 54 14.49 32.95 -13.57
C THR B 54 15.18 32.38 -14.81
N ALA B 55 14.44 31.58 -15.57
CA ALA B 55 14.99 30.94 -16.76
C ALA B 55 14.73 31.84 -17.97
N ILE B 56 15.80 32.34 -18.58
CA ILE B 56 15.70 33.21 -19.76
C ILE B 56 16.00 32.34 -20.96
N LEU B 57 14.95 32.07 -21.75
CA LEU B 57 15.09 31.20 -22.90
C LEU B 57 15.41 32.01 -24.16
N GLY B 58 16.30 31.47 -24.98
CA GLY B 58 16.66 32.10 -26.24
C GLY B 58 17.39 33.42 -26.13
N LEU B 59 18.17 33.62 -25.07
CA LEU B 59 18.88 34.88 -24.90
C LEU B 59 20.23 34.84 -25.61
N HIS B 60 20.61 35.99 -26.18
CA HIS B 60 21.89 36.13 -26.86
C HIS B 60 22.83 37.09 -26.13
N MET B 61 22.38 38.30 -25.84
CA MET B 61 23.17 39.29 -25.13
C MET B 61 22.50 39.60 -23.79
N LYS B 62 23.30 39.66 -22.72
CA LYS B 62 22.78 39.87 -21.37
C LYS B 62 22.28 41.30 -21.13
N SER B 63 22.21 42.17 -22.13
CA SER B 63 21.75 43.53 -21.95
C SER B 63 20.62 43.89 -22.92
N ASN B 64 19.99 42.88 -23.53
CA ASN B 64 18.91 43.11 -24.49
C ASN B 64 17.75 42.17 -24.19
N LEU B 65 17.35 42.11 -22.91
CA LEU B 65 16.25 41.24 -22.49
C LEU B 65 14.93 41.61 -23.14
N THR B 66 14.79 42.82 -23.69
CA THR B 66 13.56 43.24 -24.33
C THR B 66 13.44 42.74 -25.77
N SER B 67 14.23 41.75 -26.16
CA SER B 67 14.16 41.22 -27.52
C SER B 67 12.82 40.51 -27.74
N PRO B 68 12.29 40.55 -28.96
CA PRO B 68 11.04 39.84 -29.25
C PRO B 68 11.18 38.32 -29.26
N GLN B 69 12.40 37.79 -29.17
CA GLN B 69 12.63 36.35 -29.13
C GLN B 69 12.78 35.81 -27.72
N THR B 70 13.03 36.69 -26.74
CA THR B 70 13.19 36.24 -25.37
C THR B 70 11.86 35.84 -24.77
N VAL B 71 11.79 34.63 -24.21
CA VAL B 71 10.59 34.12 -23.58
C VAL B 71 10.88 33.89 -22.09
N PRO B 72 10.35 34.71 -21.19
CA PRO B 72 10.67 34.56 -19.77
C PRO B 72 9.96 33.36 -19.16
N ARG B 73 10.71 32.60 -18.35
CA ARG B 73 10.18 31.44 -17.66
C ARG B 73 10.77 31.38 -16.26
N LEU B 74 10.03 30.74 -15.36
CA LEU B 74 10.43 30.62 -13.96
C LEU B 74 10.67 29.15 -13.61
N ILE B 75 11.42 28.94 -12.54
CA ILE B 75 11.72 27.60 -12.05
C ILE B 75 10.81 27.29 -10.87
N ASP B 76 10.26 26.08 -10.83
CA ASP B 76 9.35 25.67 -9.77
C ASP B 76 9.80 24.39 -9.08
N GLU B 77 10.93 23.82 -9.50
CA GLU B 77 11.43 22.58 -8.90
C GLU B 77 12.90 22.42 -9.25
N ILE B 78 13.71 22.06 -8.26
CA ILE B 78 15.13 21.81 -8.44
C ILE B 78 15.47 20.43 -7.91
N VAL B 79 15.65 19.47 -8.80
CA VAL B 79 15.91 18.08 -8.44
C VAL B 79 17.41 17.84 -8.59
N ILE B 80 18.13 17.85 -7.48
CA ILE B 80 19.55 17.55 -7.48
C ILE B 80 19.73 16.05 -7.65
N ASN B 81 20.91 15.65 -8.13
CA ASN B 81 21.18 14.23 -8.33
C ASN B 81 21.21 13.52 -6.99
N PRO B 82 20.58 12.34 -6.87
CA PRO B 82 20.58 11.62 -5.59
C PRO B 82 21.97 11.26 -5.09
N HIS B 83 22.89 10.93 -6.00
CA HIS B 83 24.24 10.56 -5.63
C HIS B 83 25.20 11.74 -5.60
N TYR B 84 24.68 12.96 -5.51
CA TYR B 84 25.54 14.14 -5.53
C TYR B 84 26.36 14.23 -4.25
N ASN B 85 27.55 14.83 -4.37
CA ASN B 85 28.44 15.03 -3.23
C ASN B 85 29.29 16.26 -3.54
N ARG B 86 28.98 17.38 -2.88
CA ARG B 86 29.70 18.62 -3.13
C ARG B 86 31.17 18.54 -2.76
N ARG B 87 31.51 17.92 -1.64
CA ARG B 87 32.90 17.81 -1.18
C ARG B 87 33.79 17.06 -2.17
N ARG B 88 33.29 16.00 -2.78
CA ARG B 88 34.03 15.28 -3.80
C ARG B 88 33.68 15.73 -5.22
N LYS B 89 32.71 16.63 -5.36
CA LYS B 89 32.27 17.15 -6.65
C LYS B 89 31.80 16.05 -7.59
N ASP B 90 31.25 14.97 -7.03
CA ASP B 90 30.79 13.85 -7.85
C ASP B 90 29.30 13.97 -8.13
N ASN B 91 28.89 13.40 -9.27
CA ASN B 91 27.49 13.44 -9.73
C ASN B 91 27.00 14.87 -9.84
N ASP B 92 27.84 15.73 -10.42
CA ASP B 92 27.49 17.14 -10.59
C ASP B 92 26.51 17.31 -11.74
N ILE B 93 25.23 17.04 -11.49
CA ILE B 93 24.19 17.18 -12.52
C ILE B 93 22.86 17.38 -11.80
N ALA B 94 22.02 18.23 -12.38
CA ALA B 94 20.72 18.53 -11.80
C ALA B 94 19.77 18.99 -12.89
N MET B 95 18.48 18.83 -12.64
CA MET B 95 17.43 19.22 -13.57
C MET B 95 16.54 20.26 -12.89
N MET B 96 16.14 21.28 -13.65
CA MET B 96 15.31 22.37 -13.15
C MET B 96 14.03 22.43 -13.96
N HIS B 97 12.89 22.30 -13.28
CA HIS B 97 11.60 22.32 -13.94
C HIS B 97 11.17 23.76 -14.23
N LEU B 98 10.46 23.94 -15.34
CA LEU B 98 9.96 25.24 -15.74
C LEU B 98 8.53 25.45 -15.25
N GLU B 99 8.14 26.71 -15.15
CA GLU B 99 6.81 27.05 -14.67
C GLU B 99 5.74 26.80 -15.74
N PHE B 100 5.88 27.46 -16.88
CA PHE B 100 4.91 27.35 -17.97
C PHE B 100 5.60 26.78 -19.21
N LYS B 101 4.77 26.31 -20.14
CA LYS B 101 5.30 25.75 -21.38
C LYS B 101 5.84 26.85 -22.28
N VAL B 102 6.65 26.44 -23.26
CA VAL B 102 7.26 27.36 -24.22
C VAL B 102 7.21 26.71 -25.60
N ASN B 103 6.80 27.48 -26.60
CA ASN B 103 6.71 26.96 -27.96
C ASN B 103 8.08 26.95 -28.62
N TYR B 104 8.31 25.94 -29.47
CA TYR B 104 9.59 25.84 -30.17
C TYR B 104 9.66 26.87 -31.29
N THR B 105 10.84 27.47 -31.44
CA THR B 105 11.06 28.47 -32.48
C THR B 105 12.47 28.28 -33.02
N ASP B 106 12.84 29.15 -33.97
CA ASP B 106 14.19 29.10 -34.53
C ASP B 106 15.25 29.45 -33.50
N TYR B 107 14.87 30.16 -32.44
CA TYR B 107 15.79 30.50 -31.37
C TYR B 107 15.53 29.71 -30.09
N ILE B 108 14.55 28.82 -30.10
CA ILE B 108 14.24 27.96 -28.96
C ILE B 108 14.08 26.54 -29.49
N GLN B 109 15.12 25.73 -29.35
CA GLN B 109 15.13 24.36 -29.80
C GLN B 109 15.70 23.47 -28.71
N PRO B 110 15.09 22.31 -28.46
CA PRO B 110 15.63 21.41 -27.43
C PRO B 110 16.92 20.77 -27.87
N ILE B 111 17.83 20.59 -26.91
CA ILE B 111 19.14 20.00 -27.17
C ILE B 111 18.98 18.49 -27.33
N CYS B 112 19.99 17.85 -27.90
CA CYS B 112 20.02 16.41 -28.08
C CYS B 112 20.35 15.73 -26.75
N LEU B 113 20.26 14.40 -26.76
CA LEU B 113 20.55 13.60 -25.57
C LEU B 113 21.50 12.47 -25.93
N PRO B 114 22.53 12.22 -25.12
CA PRO B 114 23.45 11.12 -25.40
C PRO B 114 22.85 9.78 -25.01
N GLU B 115 22.88 8.83 -25.94
CA GLU B 115 22.37 7.49 -25.66
C GLU B 115 23.40 6.68 -24.87
N GLU B 116 22.91 5.68 -24.16
CA GLU B 116 23.78 4.83 -23.35
C GLU B 116 24.72 4.02 -24.24
N ASN B 117 25.92 3.77 -23.74
CA ASN B 117 26.96 3.05 -24.48
C ASN B 117 27.28 3.76 -25.80
N GLN B 118 27.69 5.02 -25.67
CA GLN B 118 28.06 5.85 -26.80
C GLN B 118 29.56 6.14 -26.70
N VAL B 119 30.34 5.52 -27.57
CA VAL B 119 31.80 5.64 -27.50
C VAL B 119 32.20 7.03 -27.98
N PHE B 120 32.72 7.84 -27.05
CA PHE B 120 33.27 9.16 -27.38
C PHE B 120 34.78 9.04 -27.51
N PRO B 121 35.33 9.07 -28.71
CA PRO B 121 36.78 8.94 -28.87
C PRO B 121 37.50 10.18 -28.38
N PRO B 122 38.70 10.02 -27.80
CA PRO B 122 39.46 11.19 -27.34
C PRO B 122 39.89 12.08 -28.49
N GLY B 123 40.23 13.33 -28.20
CA GLY B 123 40.61 14.29 -29.22
C GLY B 123 39.48 14.78 -30.08
N ARG B 124 38.24 14.37 -29.81
CA ARG B 124 37.10 14.80 -30.61
C ARG B 124 36.77 16.25 -30.32
N ASN B 125 36.60 17.03 -31.38
CA ASN B 125 36.33 18.47 -31.26
C ASN B 125 34.91 18.67 -30.78
N CYS B 126 34.76 19.35 -29.63
CA CYS B 126 33.47 19.66 -29.05
C CYS B 126 33.33 21.16 -28.90
N SER B 127 32.12 21.67 -29.10
CA SER B 127 31.83 23.10 -29.01
C SER B 127 31.18 23.42 -27.68
N ILE B 128 31.55 24.56 -27.09
CA ILE B 128 30.99 25.02 -25.83
C ILE B 128 30.40 26.40 -26.04
N ALA B 129 29.60 26.83 -25.06
CA ALA B 129 28.96 28.14 -25.11
C ALA B 129 28.70 28.60 -23.67
N GLY B 130 28.10 29.79 -23.57
CA GLY B 130 27.80 30.35 -22.26
C GLY B 130 28.49 31.68 -22.00
N TRP B 131 27.82 32.56 -21.27
CA TRP B 131 28.40 33.86 -20.94
C TRP B 131 29.43 33.72 -19.82
N GLY B 132 30.60 33.18 -20.15
CA GLY B 132 31.65 32.97 -19.17
C GLY B 132 32.49 34.21 -18.93
N THR B 133 33.73 33.97 -18.51
CA THR B 133 34.68 35.05 -18.23
C THR B 133 35.85 34.92 -19.20
N VAL B 134 36.38 36.06 -19.64
CA VAL B 134 37.42 36.07 -20.67
C VAL B 134 38.80 35.87 -20.06
N VAL B 135 38.89 35.96 -18.73
CA VAL B 135 40.16 35.81 -18.04
C VAL B 135 39.87 35.41 -16.60
N TYR B 136 40.89 34.86 -15.93
CA TYR B 136 40.74 34.40 -14.55
C TYR B 136 40.29 35.52 -13.63
N GLN B 137 41.11 36.57 -13.53
CA GLN B 137 40.79 37.74 -12.68
C GLN B 137 40.18 38.85 -13.53
N GLY B 138 38.92 38.65 -13.91
CA GLY B 138 38.22 39.64 -14.72
C GLY B 138 36.73 39.69 -14.46
N THR B 139 35.97 40.15 -15.46
CA THR B 139 34.52 40.28 -15.36
C THR B 139 33.87 39.45 -16.46
N THR B 140 32.59 39.17 -16.28
CA THR B 140 31.86 38.35 -17.25
C THR B 140 31.73 39.08 -18.58
N ALA B 141 31.45 38.29 -19.63
CA ALA B 141 31.31 38.80 -20.98
C ALA B 141 29.82 38.97 -21.29
N ASN B 142 29.45 40.15 -21.79
CA ASN B 142 28.05 40.41 -22.12
C ASN B 142 27.62 39.60 -23.33
N ILE B 143 28.52 39.44 -24.30
CA ILE B 143 28.20 38.69 -25.52
C ILE B 143 28.34 37.20 -25.26
N LEU B 144 27.46 36.42 -25.86
CA LEU B 144 27.50 34.97 -25.74
C LEU B 144 28.74 34.43 -26.47
N GLN B 145 29.73 34.00 -25.71
CA GLN B 145 30.97 33.53 -26.29
C GLN B 145 30.91 32.03 -26.57
N GLU B 146 31.95 31.53 -27.24
CA GLU B 146 32.04 30.12 -27.58
C GLU B 146 33.51 29.75 -27.75
N ALA B 147 33.79 28.46 -27.66
CA ALA B 147 35.16 27.96 -27.78
C ALA B 147 35.10 26.48 -28.17
N ASP B 148 36.27 25.90 -28.40
CA ASP B 148 36.41 24.51 -28.79
C ASP B 148 37.58 23.88 -28.03
N VAL B 149 37.32 22.71 -27.44
CA VAL B 149 38.33 22.00 -26.67
C VAL B 149 38.30 20.53 -27.06
N PRO B 150 39.44 19.85 -27.12
CA PRO B 150 39.46 18.42 -27.44
C PRO B 150 39.18 17.56 -26.22
N LEU B 151 38.81 16.32 -26.50
CA LEU B 151 38.48 15.36 -25.45
C LEU B 151 39.73 14.59 -25.03
N LEU B 152 39.95 14.50 -23.72
CA LEU B 152 41.08 13.76 -23.17
C LEU B 152 40.57 12.47 -22.51
N SER B 153 41.43 11.46 -22.50
CA SER B 153 41.08 10.18 -21.92
C SER B 153 41.03 10.27 -20.40
N ASN B 154 40.38 9.28 -19.78
CA ASN B 154 40.24 9.29 -18.33
C ASN B 154 41.58 9.10 -17.63
N GLU B 155 42.43 8.21 -18.13
CA GLU B 155 43.72 7.97 -17.50
C GLU B 155 44.62 9.19 -17.63
N ARG B 156 44.66 9.80 -18.82
CA ARG B 156 45.47 11.00 -19.02
C ARG B 156 44.96 12.15 -18.17
N CYS B 157 43.63 12.26 -18.02
CA CYS B 157 43.07 13.32 -17.20
C CYS B 157 43.41 13.10 -15.73
N GLN B 158 43.35 11.85 -15.27
CA GLN B 158 43.73 11.55 -13.89
C GLN B 158 45.21 11.82 -13.64
N GLN B 159 46.05 11.54 -14.64
CA GLN B 159 47.47 11.84 -14.50
C GLN B 159 47.73 13.34 -14.49
N GLN B 160 46.93 14.10 -15.26
CA GLN B 160 47.10 15.54 -15.30
C GLN B 160 46.49 16.21 -14.07
N MET B 161 45.54 15.55 -13.42
CA MET B 161 44.85 16.10 -12.25
C MET B 161 45.05 15.14 -11.08
N PRO B 162 46.20 15.21 -10.40
CA PRO B 162 46.43 14.30 -9.26
C PRO B 162 45.73 14.77 -8.00
N GLU B 163 45.37 16.07 -7.95
CA GLU B 163 44.73 16.62 -6.76
C GLU B 163 43.25 16.25 -6.68
N TYR B 164 42.65 15.85 -7.78
CA TYR B 164 41.23 15.49 -7.82
C TYR B 164 41.08 14.02 -8.15
N ASN B 165 39.88 13.50 -7.94
CA ASN B 165 39.53 12.11 -8.19
C ASN B 165 38.50 12.08 -9.32
N ILE B 166 38.96 11.79 -10.54
CA ILE B 166 38.09 11.74 -11.71
C ILE B 166 37.48 10.34 -11.74
N THR B 167 36.18 10.27 -11.45
CA THR B 167 35.48 9.00 -11.43
C THR B 167 35.10 8.59 -12.86
N GLU B 168 34.28 7.56 -12.98
CA GLU B 168 33.85 7.05 -14.29
C GLU B 168 32.65 7.82 -14.85
N ASN B 169 32.27 8.92 -14.23
CA ASN B 169 31.17 9.76 -14.70
C ASN B 169 31.66 11.16 -15.02
N MET B 170 32.97 11.31 -15.22
CA MET B 170 33.56 12.62 -15.50
C MET B 170 34.38 12.51 -16.77
N ILE B 171 33.95 13.19 -17.83
CA ILE B 171 34.66 13.23 -19.09
C ILE B 171 35.37 14.57 -19.15
N CYS B 172 36.69 14.54 -19.29
CA CYS B 172 37.48 15.77 -19.31
C CYS B 172 37.62 16.29 -20.74
N ALA B 173 37.87 17.59 -20.84
CA ALA B 173 38.07 18.24 -22.13
C ALA B 173 38.84 19.54 -21.96
N GLY B 174 39.86 19.75 -22.80
CA GLY B 174 40.66 20.95 -22.73
C GLY B 174 41.95 20.86 -23.52
N TYR B 175 42.55 22.00 -23.82
CA TYR B 175 43.81 22.04 -24.55
C TYR B 175 44.95 21.53 -23.67
N GLU B 176 46.03 21.09 -24.32
CA GLU B 176 47.22 20.64 -23.64
C GLU B 176 48.04 21.79 -23.07
N GLU B 177 48.13 22.91 -23.78
CA GLU B 177 48.84 24.09 -23.32
C GLU B 177 47.90 25.11 -22.69
N GLY B 178 46.66 24.74 -22.40
CA GLY B 178 45.72 25.68 -21.81
C GLY B 178 45.30 26.74 -22.82
N GLY B 179 45.23 27.98 -22.35
CA GLY B 179 44.88 29.10 -23.22
C GLY B 179 43.40 29.27 -23.53
N ILE B 180 42.74 28.20 -23.96
CA ILE B 180 41.32 28.21 -24.29
C ILE B 180 40.64 27.10 -23.51
N ASP B 181 39.88 27.48 -22.49
CA ASP B 181 39.17 26.52 -21.65
C ASP B 181 38.12 27.27 -20.85
N SER B 182 37.39 26.53 -20.02
CA SER B 182 36.37 27.12 -19.18
C SER B 182 37.00 28.00 -18.10
N CYS B 183 36.18 28.85 -17.50
CA CYS B 183 36.66 29.78 -16.48
C CYS B 183 35.60 29.88 -15.38
N GLN B 184 35.84 30.80 -14.45
CA GLN B 184 34.89 31.02 -13.36
C GLN B 184 33.62 31.68 -13.91
N GLY B 185 32.51 31.40 -13.22
CA GLY B 185 31.21 31.87 -13.68
C GLY B 185 30.63 31.12 -14.85
N ASP B 186 31.44 30.31 -15.54
CA ASP B 186 30.97 29.51 -16.66
C ASP B 186 30.75 28.04 -16.31
N SER B 187 31.16 27.59 -15.13
CA SER B 187 30.95 26.21 -14.72
C SER B 187 29.47 25.87 -14.71
N GLY B 188 29.05 25.00 -15.62
CA GLY B 188 27.65 24.69 -15.79
C GLY B 188 27.22 24.74 -17.24
N GLY B 189 28.12 25.22 -18.10
CA GLY B 189 27.84 25.31 -19.52
C GLY B 189 27.83 23.94 -20.17
N PRO B 190 27.10 23.82 -21.28
CA PRO B 190 27.03 22.52 -21.97
C PRO B 190 28.29 22.19 -22.76
N LEU B 191 28.57 20.90 -22.92
CA LEU B 191 29.70 20.41 -23.74
C LEU B 191 29.10 19.76 -24.97
N MET B 192 28.92 20.54 -26.03
CA MET B 192 28.28 20.05 -27.24
C MET B 192 29.31 19.50 -28.21
N CYS B 193 29.04 18.28 -28.70
CA CYS B 193 29.92 17.61 -29.64
C CYS B 193 29.13 17.18 -30.87
N GLN B 194 29.72 17.36 -32.04
CA GLN B 194 29.01 17.05 -33.29
C GLN B 194 29.12 15.57 -33.60
N GLU B 195 28.01 14.98 -34.03
CA GLU B 195 27.98 13.57 -34.43
C GLU B 195 26.80 13.38 -35.36
N ASN B 196 27.08 13.12 -36.65
CA ASN B 196 26.04 12.94 -37.66
C ASN B 196 25.11 14.15 -37.71
N ASN B 197 25.70 15.34 -37.83
CA ASN B 197 24.96 16.60 -37.89
C ASN B 197 24.06 16.78 -36.68
N ARG B 198 24.51 16.28 -35.51
CA ARG B 198 23.76 16.42 -34.28
C ARG B 198 24.67 16.89 -33.16
N TRP B 199 24.18 17.83 -32.36
CA TRP B 199 24.94 18.38 -31.24
C TRP B 199 24.37 17.80 -29.95
N PHE B 200 25.01 16.76 -29.44
CA PHE B 200 24.55 16.11 -28.21
C PHE B 200 25.02 16.90 -26.98
N LEU B 201 24.67 16.39 -25.81
CA LEU B 201 25.11 16.95 -24.54
C LEU B 201 26.04 15.95 -23.89
N ALA B 202 27.34 16.03 -24.22
CA ALA B 202 28.33 15.07 -23.76
C ALA B 202 29.03 15.51 -22.48
N GLY B 203 28.55 16.56 -21.84
CA GLY B 203 29.18 17.00 -20.59
C GLY B 203 28.64 18.35 -20.17
N VAL B 204 28.82 18.62 -18.87
CA VAL B 204 28.47 19.90 -18.28
C VAL B 204 29.65 20.39 -17.45
N THR B 205 30.08 21.63 -17.67
CA THR B 205 31.24 22.18 -16.97
C THR B 205 31.02 22.15 -15.46
N SER B 206 31.81 21.34 -14.76
CA SER B 206 31.64 21.14 -13.33
C SER B 206 32.59 21.99 -12.50
N PHE B 207 33.90 21.82 -12.72
CA PHE B 207 34.89 22.53 -11.92
C PHE B 207 36.20 22.58 -12.71
N GLY B 208 37.27 22.99 -12.03
CA GLY B 208 38.59 23.07 -12.63
C GLY B 208 39.60 23.63 -11.66
N TYR B 209 40.86 23.20 -11.78
CA TYR B 209 41.89 23.69 -10.87
C TYR B 209 42.07 25.19 -10.99
N LYS B 210 42.30 25.69 -12.20
CA LYS B 210 42.46 27.12 -12.43
C LYS B 210 42.03 27.41 -13.88
N CYS B 211 41.80 28.68 -14.17
CA CYS B 211 41.31 29.11 -15.47
C CYS B 211 42.42 29.80 -16.25
N ALA B 212 42.46 29.57 -17.55
CA ALA B 212 43.46 30.15 -18.45
C ALA B 212 44.87 29.79 -18.01
N LEU B 213 45.03 28.52 -17.61
CA LEU B 213 46.31 28.00 -17.18
C LEU B 213 46.71 26.79 -18.02
N PRO B 214 47.98 26.68 -18.41
CA PRO B 214 48.42 25.55 -19.23
C PRO B 214 48.34 24.24 -18.46
N ASN B 215 48.09 23.15 -19.17
CA ASN B 215 48.03 21.80 -18.60
C ASN B 215 46.97 21.71 -17.50
N ARG B 216 45.85 22.39 -17.73
CA ARG B 216 44.74 22.38 -16.77
C ARG B 216 43.44 22.28 -17.54
N PRO B 217 43.04 21.08 -17.96
CA PRO B 217 41.79 20.93 -18.69
C PRO B 217 40.59 21.01 -17.78
N GLY B 218 39.43 21.28 -18.37
CA GLY B 218 38.19 21.37 -17.63
C GLY B 218 37.52 20.03 -17.45
N VAL B 219 36.79 19.89 -16.34
CA VAL B 219 36.08 18.67 -16.00
C VAL B 219 34.61 18.84 -16.38
N TYR B 220 34.08 17.85 -17.09
CA TYR B 220 32.69 17.87 -17.54
C TYR B 220 32.01 16.59 -17.07
N ALA B 221 30.86 16.75 -16.40
CA ALA B 221 30.12 15.59 -15.91
C ALA B 221 29.52 14.81 -17.08
N ARG B 222 29.84 13.53 -17.15
CA ARG B 222 29.39 12.65 -18.22
C ARG B 222 27.88 12.47 -18.08
N VAL B 223 27.13 13.12 -18.97
CA VAL B 223 25.67 13.04 -18.96
C VAL B 223 25.24 11.66 -19.49
N SER B 224 26.14 11.01 -20.23
CA SER B 224 25.84 9.70 -20.80
C SER B 224 25.53 8.65 -19.74
N ARG B 225 26.05 8.82 -18.52
CA ARG B 225 25.77 7.89 -17.43
C ARG B 225 24.48 8.22 -16.69
N PHE B 226 24.01 9.47 -16.78
CA PHE B 226 22.76 9.89 -16.16
C PHE B 226 21.61 9.95 -17.15
N THR B 227 21.59 9.07 -18.15
CA THR B 227 20.55 9.12 -19.17
C THR B 227 19.19 8.71 -18.59
N GLU B 228 19.13 7.58 -17.90
CA GLU B 228 17.85 7.11 -17.35
C GLU B 228 17.35 8.03 -16.25
N TRP B 229 18.26 8.62 -15.48
CA TRP B 229 17.85 9.54 -14.43
C TRP B 229 17.16 10.77 -15.01
N ILE B 230 17.63 11.25 -16.16
CA ILE B 230 16.99 12.39 -16.81
C ILE B 230 15.70 11.95 -17.48
N GLN B 231 15.72 10.81 -18.16
CA GLN B 231 14.53 10.33 -18.85
C GLN B 231 13.39 10.01 -17.91
N SER B 232 13.70 9.69 -16.64
CA SER B 232 12.64 9.44 -15.67
C SER B 232 11.89 10.71 -15.29
N PHE B 233 12.45 11.88 -15.61
CA PHE B 233 11.83 13.17 -15.28
C PHE B 233 11.21 13.86 -16.48
N LEU B 234 11.71 13.60 -17.68
CA LEU B 234 11.19 14.27 -18.87
C LEU B 234 9.72 13.95 -19.13
N HIS B 235 9.24 12.79 -18.70
CA HIS B 235 7.85 12.42 -18.91
C HIS B 235 6.92 13.26 -18.04
#